data_3EPS
#
_entry.id   3EPS
#
_cell.length_a   124.595
_cell.length_b   124.595
_cell.length_c   267.635
_cell.angle_alpha   90.00
_cell.angle_beta   90.00
_cell.angle_gamma   90.00
#
_symmetry.space_group_name_H-M   'P 41 21 2'
#
loop_
_entity.id
_entity.type
_entity.pdbx_description
1 polymer 'Isocitrate dehydrogenase kinase/phosphatase'
2 non-polymer 'ADENOSINE MONOPHOSPHATE'
3 non-polymer "ADENOSINE-5'-TRIPHOSPHATE"
4 non-polymer 'MAGNESIUM ION'
5 water water
#
_entity_poly.entity_id   1
_entity_poly.type   'polypeptide(L)'
_entity_poly.pdbx_seq_one_letter_code
;SPRGLELLIAQTILQGFDAQYGRFLEVTSGAQQRFEQADWHAVQQAMKNRIHLYDHHVGLVVEQLRCITNGQSTDAEFLL
RVKEHYTRLLPDYPRFEIAESFFNSVYCRLFDHRSLTPERLFIFSSQPERRFRTIPRPLAKDFHPDHGWESLLMRVISDL
PLRLHWQNKSRDIHYIIRHLTETLGPENLSKSHLQVANELFYRNKAAWLVGKLITPSGTLPFLLPIHQTDDGELFIDTCL
TTTAEASIVFGFARSYFMVYAPLPAALVEWLREILPGKTTAELYMAIGCQKHAKTESYREYLVYLQGCNEQFIEAPGIRG
MVMLVFTLPGFDRVFKVIKDKFAPQKEMSAAHVRACYQLVKEHDRVGRMADTQEFENFVLEKRHISPALMELLLQEAAEK
ITDLGEQIVIRHLYIERRMVPLNIWLEQVEGQQLRDAIEEYGNAIRQLAAANIFPGDMLFKNFGVTRHGRVVFYDYDEIC
YMTEVNFRDIPPPRYPEDELASEPWYSVSPGDVFPEEFRHWLCADPRIGPLFEEMHADLFRADYWRALQNRIREGHVEDV
YAYRRRQRFSVRYGEMLF
;
_entity_poly.pdbx_strand_id   A,B
#
# COMPACT_ATOMS: atom_id res chain seq x y z
N PRO A 2 -17.02 -37.59 -26.55
CA PRO A 2 -18.06 -36.65 -27.05
C PRO A 2 -18.99 -36.25 -25.91
N ARG A 3 -20.15 -36.89 -25.88
CA ARG A 3 -21.18 -36.66 -24.87
C ARG A 3 -20.65 -36.72 -23.44
N GLY A 4 -20.00 -37.84 -23.11
CA GLY A 4 -19.45 -38.02 -21.79
C GLY A 4 -18.69 -36.80 -21.27
N LEU A 5 -17.92 -36.17 -22.16
CA LEU A 5 -17.13 -34.99 -21.78
C LEU A 5 -18.03 -33.80 -21.47
N GLU A 6 -19.00 -33.57 -22.35
CA GLU A 6 -19.94 -32.48 -22.17
C GLU A 6 -20.59 -32.61 -20.80
N LEU A 7 -20.78 -33.87 -20.37
CA LEU A 7 -21.39 -34.15 -19.08
C LEU A 7 -20.47 -33.93 -17.89
N LEU A 8 -19.23 -34.38 -18.01
CA LEU A 8 -18.25 -34.24 -16.96
C LEU A 8 -18.13 -32.75 -16.63
N ILE A 9 -17.92 -31.95 -17.66
CA ILE A 9 -17.79 -30.51 -17.52
C ILE A 9 -18.98 -29.95 -16.74
N ALA A 10 -20.17 -30.13 -17.30
CA ALA A 10 -21.41 -29.67 -16.69
C ALA A 10 -21.42 -30.05 -15.21
N GLN A 11 -21.03 -31.29 -14.91
CA GLN A 11 -21.01 -31.73 -13.52
C GLN A 11 -19.86 -31.18 -12.68
N THR A 12 -18.72 -30.87 -13.28
CA THR A 12 -17.62 -30.33 -12.49
C THR A 12 -17.93 -28.88 -12.13
N ILE A 13 -18.70 -28.21 -13.00
CA ILE A 13 -19.09 -26.84 -12.73
C ILE A 13 -20.07 -26.86 -11.56
N LEU A 14 -21.06 -27.76 -11.61
CA LEU A 14 -22.03 -27.84 -10.52
C LEU A 14 -21.39 -28.30 -9.20
N GLN A 15 -20.42 -29.20 -9.28
CA GLN A 15 -19.77 -29.67 -8.07
C GLN A 15 -19.03 -28.49 -7.47
N GLY A 16 -18.61 -27.58 -8.35
CA GLY A 16 -17.90 -26.38 -7.94
C GLY A 16 -18.75 -25.44 -7.12
N PHE A 17 -19.99 -25.22 -7.56
CA PHE A 17 -20.90 -24.37 -6.83
C PHE A 17 -21.22 -24.99 -5.46
N ASP A 18 -21.49 -26.28 -5.45
CA ASP A 18 -21.80 -27.00 -4.23
C ASP A 18 -20.69 -26.78 -3.21
N ALA A 19 -19.45 -26.91 -3.67
CA ALA A 19 -18.30 -26.75 -2.78
C ALA A 19 -18.13 -25.29 -2.32
N GLN A 20 -18.27 -24.32 -3.23
CA GLN A 20 -18.09 -22.94 -2.80
C GLN A 20 -19.17 -22.48 -1.82
N TYR A 21 -20.42 -22.87 -2.03
CA TYR A 21 -21.43 -22.44 -1.07
C TYR A 21 -21.18 -23.15 0.26
N GLY A 22 -20.73 -24.40 0.18
CA GLY A 22 -20.42 -25.14 1.38
C GLY A 22 -19.39 -24.38 2.19
N ARG A 23 -18.30 -23.98 1.53
CA ARG A 23 -17.23 -23.22 2.17
C ARG A 23 -17.76 -21.88 2.64
N PHE A 24 -18.54 -21.24 1.79
CA PHE A 24 -19.12 -19.95 2.11
C PHE A 24 -19.82 -19.93 3.48
N LEU A 25 -20.66 -20.92 3.75
CA LEU A 25 -21.34 -20.93 5.03
C LEU A 25 -20.54 -21.59 6.15
N GLU A 26 -19.46 -22.28 5.81
CA GLU A 26 -18.62 -22.83 6.86
C GLU A 26 -17.98 -21.61 7.50
N VAL A 27 -17.63 -20.62 6.66
CA VAL A 27 -17.04 -19.37 7.14
C VAL A 27 -18.06 -18.63 7.99
N THR A 28 -19.24 -18.42 7.43
CA THR A 28 -20.31 -17.70 8.12
C THR A 28 -20.62 -18.26 9.50
N SER A 29 -20.66 -19.58 9.62
CA SER A 29 -20.98 -20.22 10.90
C SER A 29 -19.99 -19.85 12.01
N GLY A 30 -18.84 -19.31 11.63
CA GLY A 30 -17.87 -18.92 12.64
C GLY A 30 -18.16 -17.57 13.29
N ALA A 31 -19.08 -16.83 12.69
CA ALA A 31 -19.43 -15.51 13.19
C ALA A 31 -19.75 -15.50 14.68
N GLN A 32 -20.55 -16.48 15.13
CA GLN A 32 -20.92 -16.52 16.54
C GLN A 32 -19.71 -16.58 17.46
N GLN A 33 -18.82 -17.52 17.21
CA GLN A 33 -17.61 -17.68 18.01
C GLN A 33 -16.71 -16.44 18.00
N ARG A 34 -16.53 -15.85 16.82
CA ARG A 34 -15.72 -14.65 16.69
C ARG A 34 -16.28 -13.54 17.59
N PHE A 35 -17.59 -13.38 17.56
CA PHE A 35 -18.30 -12.39 18.37
C PHE A 35 -18.28 -12.76 19.84
N GLU A 36 -18.50 -14.03 20.14
CA GLU A 36 -18.53 -14.50 21.52
C GLU A 36 -17.23 -14.19 22.24
N GLN A 37 -16.10 -14.36 21.56
CA GLN A 37 -14.81 -14.09 22.17
C GLN A 37 -14.27 -12.73 21.77
N ALA A 38 -15.20 -11.85 21.38
CA ALA A 38 -14.88 -10.49 20.97
C ALA A 38 -13.62 -10.34 20.11
N ASP A 39 -13.29 -11.38 19.35
CA ASP A 39 -12.12 -11.32 18.49
C ASP A 39 -12.47 -10.42 17.30
N TRP A 40 -12.47 -9.10 17.54
CA TRP A 40 -12.82 -8.10 16.53
C TRP A 40 -11.97 -8.09 15.28
N HIS A 41 -10.68 -8.40 15.42
CA HIS A 41 -9.82 -8.42 14.27
C HIS A 41 -10.16 -9.60 13.35
N ALA A 42 -10.60 -10.71 13.93
CA ALA A 42 -10.96 -11.89 13.15
C ALA A 42 -12.21 -11.59 12.35
N VAL A 43 -13.20 -11.00 13.01
CA VAL A 43 -14.47 -10.63 12.39
C VAL A 43 -14.24 -9.92 11.07
N GLN A 44 -13.18 -9.12 11.00
CA GLN A 44 -12.90 -8.37 9.78
C GLN A 44 -12.18 -9.21 8.74
N GLN A 45 -11.32 -10.13 9.17
CA GLN A 45 -10.61 -10.97 8.21
C GLN A 45 -11.62 -11.92 7.57
N ALA A 46 -12.64 -12.28 8.35
CA ALA A 46 -13.68 -13.17 7.85
C ALA A 46 -14.40 -12.48 6.69
N MET A 47 -14.67 -11.18 6.85
CA MET A 47 -15.32 -10.39 5.82
C MET A 47 -14.49 -10.42 4.53
N LYS A 48 -13.16 -10.46 4.66
CA LYS A 48 -12.33 -10.52 3.46
C LYS A 48 -12.24 -11.93 2.86
N ASN A 49 -12.13 -12.95 3.71
CA ASN A 49 -12.00 -14.30 3.17
C ASN A 49 -13.29 -14.77 2.53
N ARG A 50 -14.42 -14.38 3.11
CA ARG A 50 -15.74 -14.77 2.60
C ARG A 50 -15.96 -14.18 1.22
N ILE A 51 -15.52 -12.93 1.03
CA ILE A 51 -15.69 -12.24 -0.24
C ILE A 51 -14.87 -12.84 -1.39
N HIS A 52 -13.77 -13.52 -1.07
CA HIS A 52 -12.92 -14.09 -2.10
C HIS A 52 -13.27 -15.52 -2.52
N LEU A 53 -13.89 -16.25 -1.61
CA LEU A 53 -14.30 -17.63 -1.81
C LEU A 53 -14.85 -17.94 -3.20
N TYR A 54 -15.91 -17.24 -3.58
CA TYR A 54 -16.55 -17.46 -4.86
C TYR A 54 -15.60 -17.39 -6.04
N ASP A 55 -14.81 -16.33 -6.12
CA ASP A 55 -13.88 -16.21 -7.22
C ASP A 55 -12.79 -17.27 -7.13
N HIS A 56 -12.42 -17.64 -5.93
CA HIS A 56 -11.41 -18.66 -5.79
C HIS A 56 -11.85 -19.96 -6.48
N HIS A 57 -13.09 -20.35 -6.23
CA HIS A 57 -13.66 -21.58 -6.78
C HIS A 57 -13.90 -21.48 -8.27
N VAL A 58 -14.41 -20.34 -8.73
CA VAL A 58 -14.61 -20.16 -10.16
C VAL A 58 -13.25 -20.35 -10.79
N GLY A 59 -12.21 -20.02 -10.03
CA GLY A 59 -10.85 -20.17 -10.52
C GLY A 59 -10.49 -21.63 -10.66
N LEU A 60 -10.63 -22.37 -9.56
CA LEU A 60 -10.33 -23.79 -9.56
C LEU A 60 -11.08 -24.52 -10.67
N VAL A 61 -12.39 -24.33 -10.71
CA VAL A 61 -13.25 -24.95 -11.70
C VAL A 61 -12.77 -24.66 -13.12
N VAL A 62 -12.36 -23.43 -13.40
CA VAL A 62 -11.92 -23.13 -14.76
C VAL A 62 -10.58 -23.82 -15.08
N GLU A 63 -9.72 -23.94 -14.08
CA GLU A 63 -8.45 -24.63 -14.30
C GLU A 63 -8.78 -26.10 -14.66
N GLN A 64 -9.64 -26.71 -13.86
CA GLN A 64 -10.05 -28.09 -14.10
C GLN A 64 -10.64 -28.17 -15.50
N LEU A 65 -11.62 -27.32 -15.76
CA LEU A 65 -12.25 -27.27 -17.05
C LEU A 65 -11.16 -27.28 -18.13
N ARG A 66 -10.08 -26.55 -17.86
CA ARG A 66 -8.96 -26.43 -18.79
C ARG A 66 -8.21 -27.75 -18.97
N CYS A 67 -7.71 -28.32 -17.88
CA CYS A 67 -7.00 -29.59 -17.98
C CYS A 67 -7.93 -30.63 -18.59
N ILE A 68 -9.14 -30.74 -18.04
CA ILE A 68 -10.13 -31.70 -18.52
C ILE A 68 -10.25 -31.72 -20.05
N THR A 69 -9.85 -30.63 -20.70
CA THR A 69 -9.94 -30.58 -22.16
C THR A 69 -9.04 -29.56 -22.85
N ASN A 70 -9.19 -28.29 -22.48
CA ASN A 70 -8.43 -27.17 -23.03
C ASN A 70 -8.77 -26.91 -24.49
N GLY A 71 -8.77 -27.97 -25.29
CA GLY A 71 -9.10 -27.82 -26.69
C GLY A 71 -10.52 -27.32 -26.88
N GLN A 72 -11.47 -27.97 -26.20
CA GLN A 72 -12.88 -27.60 -26.31
C GLN A 72 -13.35 -26.44 -25.44
N SER A 73 -12.73 -26.24 -24.28
CA SER A 73 -13.12 -25.14 -23.38
C SER A 73 -13.27 -23.86 -24.17
N THR A 74 -12.33 -23.61 -25.07
CA THR A 74 -12.30 -22.43 -25.92
C THR A 74 -13.25 -22.59 -27.13
N ASP A 75 -14.20 -23.51 -27.03
CA ASP A 75 -15.12 -23.77 -28.13
C ASP A 75 -16.61 -23.49 -27.81
N ALA A 76 -17.12 -22.42 -28.42
CA ALA A 76 -18.50 -21.97 -28.24
C ALA A 76 -19.61 -22.98 -28.60
N GLU A 77 -19.32 -23.87 -29.55
CA GLU A 77 -20.30 -24.87 -29.97
C GLU A 77 -20.49 -25.94 -28.89
N PHE A 78 -19.38 -26.33 -28.29
CA PHE A 78 -19.32 -27.34 -27.23
C PHE A 78 -19.94 -26.87 -25.91
N LEU A 79 -19.69 -25.62 -25.54
CA LEU A 79 -20.23 -25.06 -24.31
C LEU A 79 -21.72 -24.81 -24.41
N LEU A 80 -22.24 -24.80 -25.64
CA LEU A 80 -23.68 -24.61 -25.86
C LEU A 80 -24.39 -25.87 -25.36
N ARG A 81 -23.69 -27.00 -25.49
CA ARG A 81 -24.22 -28.30 -25.07
C ARG A 81 -24.11 -28.41 -23.56
N VAL A 82 -22.96 -27.99 -23.03
CA VAL A 82 -22.73 -28.05 -21.60
C VAL A 82 -23.83 -27.25 -20.89
N LYS A 83 -24.12 -26.06 -21.41
CA LYS A 83 -25.16 -25.23 -20.80
C LYS A 83 -26.45 -26.02 -20.84
N GLU A 84 -26.66 -26.72 -21.94
CA GLU A 84 -27.84 -27.53 -22.14
C GLU A 84 -27.98 -28.55 -20.99
N HIS A 85 -26.94 -29.33 -20.74
CA HIS A 85 -26.96 -30.33 -19.66
C HIS A 85 -27.05 -29.72 -18.27
N TYR A 86 -26.24 -28.69 -18.04
CA TYR A 86 -26.20 -28.04 -16.75
C TYR A 86 -27.62 -27.59 -16.37
N THR A 87 -28.35 -27.11 -17.38
CA THR A 87 -29.71 -26.64 -17.18
C THR A 87 -30.65 -27.73 -16.71
N ARG A 88 -30.38 -28.97 -17.13
CA ARG A 88 -31.22 -30.12 -16.78
C ARG A 88 -30.85 -30.68 -15.40
N LEU A 89 -29.86 -30.08 -14.76
CA LEU A 89 -29.43 -30.52 -13.44
C LEU A 89 -30.05 -29.61 -12.40
N LEU A 90 -30.60 -28.50 -12.87
CA LEU A 90 -31.16 -27.49 -11.98
C LEU A 90 -32.52 -27.73 -11.31
N PRO A 91 -33.51 -28.29 -12.04
CA PRO A 91 -34.83 -28.54 -11.46
C PRO A 91 -34.82 -29.11 -10.04
N ASP A 92 -33.71 -29.76 -9.67
CA ASP A 92 -33.58 -30.29 -8.32
C ASP A 92 -33.02 -29.26 -7.33
N TYR A 93 -31.75 -28.89 -7.51
CA TYR A 93 -31.02 -27.97 -6.62
C TYR A 93 -31.75 -26.80 -5.97
N PRO A 94 -31.71 -26.78 -4.63
CA PRO A 94 -32.33 -25.76 -3.77
C PRO A 94 -31.81 -24.36 -4.04
N ARG A 95 -30.57 -24.28 -4.51
CA ARG A 95 -29.95 -23.00 -4.81
C ARG A 95 -29.67 -22.83 -6.29
N PHE A 96 -30.58 -23.31 -7.13
CA PHE A 96 -30.39 -23.23 -8.58
C PHE A 96 -30.04 -21.86 -9.14
N GLU A 97 -30.63 -20.79 -8.59
CA GLU A 97 -30.36 -19.45 -9.09
C GLU A 97 -28.90 -19.08 -8.91
N ILE A 98 -28.34 -19.34 -7.74
CA ILE A 98 -26.94 -19.04 -7.50
C ILE A 98 -26.08 -19.99 -8.35
N ALA A 99 -26.65 -21.15 -8.66
CA ALA A 99 -25.97 -22.17 -9.46
C ALA A 99 -25.79 -21.65 -10.88
N GLU A 100 -26.75 -20.84 -11.32
CA GLU A 100 -26.69 -20.26 -12.66
C GLU A 100 -25.61 -19.18 -12.70
N SER A 101 -25.56 -18.36 -11.66
CA SER A 101 -24.56 -17.30 -11.57
C SER A 101 -23.19 -17.92 -11.69
N PHE A 102 -22.96 -18.97 -10.89
CA PHE A 102 -21.68 -19.67 -10.91
C PHE A 102 -21.33 -20.11 -12.33
N PHE A 103 -22.32 -20.64 -13.03
CA PHE A 103 -22.09 -21.10 -14.39
C PHE A 103 -21.66 -19.93 -15.28
N ASN A 104 -22.32 -18.78 -15.08
CA ASN A 104 -22.04 -17.56 -15.83
C ASN A 104 -20.63 -17.11 -15.54
N SER A 105 -20.30 -17.06 -14.26
CA SER A 105 -18.97 -16.66 -13.82
C SER A 105 -17.91 -17.49 -14.53
N VAL A 106 -18.14 -18.80 -14.57
CA VAL A 106 -17.21 -19.71 -15.24
C VAL A 106 -17.22 -19.42 -16.74
N TYR A 107 -18.41 -19.21 -17.30
CA TYR A 107 -18.51 -18.92 -18.73
C TYR A 107 -17.65 -17.71 -19.06
N CYS A 108 -17.83 -16.66 -18.27
CA CYS A 108 -17.10 -15.41 -18.43
C CYS A 108 -15.58 -15.56 -18.36
N ARG A 109 -15.09 -16.27 -17.34
CA ARG A 109 -13.64 -16.46 -17.22
C ARG A 109 -13.15 -17.13 -18.49
N LEU A 110 -13.92 -18.10 -18.97
CA LEU A 110 -13.56 -18.83 -20.18
C LEU A 110 -13.45 -17.95 -21.42
N PHE A 111 -14.46 -17.12 -21.65
CA PHE A 111 -14.43 -16.27 -22.82
C PHE A 111 -14.04 -14.82 -22.51
N ASP A 112 -13.25 -14.64 -21.46
CA ASP A 112 -12.80 -13.31 -21.06
C ASP A 112 -13.93 -12.29 -21.18
N HIS A 113 -15.05 -12.59 -20.54
CA HIS A 113 -16.21 -11.70 -20.52
C HIS A 113 -16.78 -11.14 -21.81
N ARG A 114 -16.56 -11.81 -22.94
CA ARG A 114 -17.14 -11.31 -24.18
C ARG A 114 -18.12 -12.30 -24.82
N SER A 115 -18.88 -11.81 -25.81
CA SER A 115 -19.91 -12.59 -26.51
C SER A 115 -20.83 -13.36 -25.55
N LEU A 116 -21.50 -12.61 -24.69
CA LEU A 116 -22.42 -13.18 -23.69
C LEU A 116 -23.87 -13.15 -24.15
N THR A 117 -24.25 -14.06 -25.05
CA THR A 117 -25.64 -14.08 -25.53
C THR A 117 -26.51 -14.83 -24.53
N PRO A 118 -27.84 -14.58 -24.58
CA PRO A 118 -28.81 -15.22 -23.69
C PRO A 118 -28.89 -16.72 -23.92
N GLU A 119 -28.35 -17.16 -25.05
CA GLU A 119 -28.37 -18.56 -25.39
C GLU A 119 -27.11 -19.27 -24.92
N ARG A 120 -26.10 -18.49 -24.55
CA ARG A 120 -24.85 -19.08 -24.10
C ARG A 120 -24.64 -19.09 -22.57
N LEU A 121 -25.45 -18.32 -21.84
CA LEU A 121 -25.37 -18.30 -20.38
C LEU A 121 -26.65 -17.75 -19.76
N PHE A 122 -26.88 -18.08 -18.49
CA PHE A 122 -28.10 -17.66 -17.80
C PHE A 122 -28.18 -16.18 -17.51
N ILE A 123 -28.13 -15.33 -18.53
CA ILE A 123 -28.24 -13.92 -18.23
C ILE A 123 -29.65 -13.73 -17.65
N PHE A 124 -30.57 -14.63 -17.99
CA PHE A 124 -31.95 -14.51 -17.51
C PHE A 124 -32.50 -15.49 -16.46
N SER A 125 -32.18 -16.79 -16.57
CA SER A 125 -32.64 -17.76 -15.55
C SER A 125 -33.07 -19.18 -15.95
N SER A 126 -33.88 -19.33 -16.98
CA SER A 126 -34.28 -20.67 -17.41
C SER A 126 -35.24 -21.38 -16.46
N GLN A 127 -35.23 -21.00 -15.20
CA GLN A 127 -36.10 -21.66 -14.24
C GLN A 127 -37.37 -20.86 -13.96
N PRO A 128 -38.47 -21.55 -13.61
CA PRO A 128 -39.73 -20.87 -13.31
C PRO A 128 -39.56 -20.09 -12.01
N GLU A 129 -40.28 -18.98 -11.85
CA GLU A 129 -40.18 -18.19 -10.62
C GLU A 129 -40.69 -18.99 -9.43
N ARG A 130 -39.86 -19.07 -8.39
CA ARG A 130 -40.19 -19.80 -7.15
C ARG A 130 -41.58 -19.58 -6.59
N ARG A 131 -41.84 -18.39 -6.06
CA ARG A 131 -43.13 -18.07 -5.46
C ARG A 131 -43.46 -19.18 -4.45
N PHE A 132 -42.53 -19.31 -3.51
CA PHE A 132 -42.52 -20.26 -2.42
C PHE A 132 -43.75 -21.05 -1.99
N ARG A 133 -43.47 -22.30 -1.64
CA ARG A 133 -44.47 -23.25 -1.14
C ARG A 133 -44.27 -23.28 0.37
N THR A 134 -43.63 -24.35 0.85
CA THR A 134 -43.35 -24.51 2.26
C THR A 134 -41.89 -24.88 2.43
N ILE A 135 -41.15 -24.00 3.08
CA ILE A 135 -39.72 -24.20 3.31
C ILE A 135 -39.50 -25.59 3.92
N PRO A 136 -38.49 -26.33 3.42
CA PRO A 136 -38.18 -27.67 3.92
C PRO A 136 -37.99 -27.68 5.45
N ARG A 137 -37.63 -26.52 5.99
CA ARG A 137 -37.45 -26.35 7.43
C ARG A 137 -37.51 -24.87 7.85
N PRO A 138 -38.49 -24.53 8.71
CA PRO A 138 -38.84 -23.23 9.29
C PRO A 138 -38.06 -21.95 8.96
N LEU A 139 -36.83 -21.83 9.47
CA LEU A 139 -36.03 -20.63 9.22
C LEU A 139 -36.42 -19.45 10.13
N ALA A 140 -37.58 -19.55 10.77
CA ALA A 140 -38.08 -18.50 11.69
C ALA A 140 -39.13 -19.11 12.60
N LYS A 141 -39.17 -18.67 13.86
CA LYS A 141 -40.12 -19.18 14.84
C LYS A 141 -41.14 -18.11 15.21
N ASP A 142 -42.35 -18.55 15.60
CA ASP A 142 -43.39 -17.61 15.99
C ASP A 142 -43.49 -17.48 17.50
N PHE A 143 -43.77 -16.26 17.97
CA PHE A 143 -43.90 -16.01 19.40
C PHE A 143 -45.15 -15.21 19.72
N HIS A 144 -46.06 -15.83 20.44
CA HIS A 144 -47.31 -15.19 20.83
C HIS A 144 -47.24 -14.78 22.30
N PRO A 145 -47.79 -13.61 22.63
CA PRO A 145 -47.75 -13.17 24.04
C PRO A 145 -49.00 -13.65 24.78
N ASP A 146 -48.97 -14.87 25.28
CA ASP A 146 -50.10 -15.44 26.01
C ASP A 146 -49.96 -15.10 27.49
N HIS A 147 -48.83 -14.49 27.80
CA HIS A 147 -48.44 -14.03 29.13
C HIS A 147 -47.32 -13.09 28.69
N GLY A 148 -47.10 -13.13 27.38
CA GLY A 148 -46.08 -12.38 26.67
C GLY A 148 -45.66 -10.98 27.08
N TRP A 149 -44.55 -10.53 26.48
CA TRP A 149 -43.97 -9.23 26.77
C TRP A 149 -43.53 -9.37 28.22
N GLU A 150 -42.28 -9.75 28.40
CA GLU A 150 -41.62 -9.99 29.69
C GLU A 150 -41.51 -11.50 29.77
N SER A 151 -42.52 -12.17 29.23
CA SER A 151 -42.55 -13.62 29.19
C SER A 151 -42.12 -14.01 27.80
N LEU A 152 -42.72 -13.34 26.81
CA LEU A 152 -42.41 -13.56 25.41
C LEU A 152 -40.95 -13.22 25.15
N LEU A 153 -40.52 -12.09 25.71
CA LEU A 153 -39.14 -11.63 25.54
C LEU A 153 -38.14 -12.46 26.33
N MET A 154 -38.47 -12.79 27.58
CA MET A 154 -37.59 -13.60 28.40
C MET A 154 -37.35 -14.92 27.67
N ARG A 155 -38.40 -15.40 27.01
CA ARG A 155 -38.34 -16.66 26.28
C ARG A 155 -37.45 -16.59 25.05
N VAL A 156 -37.51 -15.47 24.31
CA VAL A 156 -36.69 -15.33 23.11
C VAL A 156 -35.23 -15.00 23.46
N ILE A 157 -35.04 -14.15 24.46
CA ILE A 157 -33.69 -13.79 24.88
C ILE A 157 -33.01 -15.04 25.43
N SER A 158 -33.81 -15.94 25.97
CA SER A 158 -33.32 -17.19 26.51
C SER A 158 -33.37 -18.26 25.43
N ASP A 159 -33.03 -17.86 24.21
CA ASP A 159 -33.03 -18.76 23.08
C ASP A 159 -31.77 -18.53 22.25
N LEU A 160 -31.14 -17.38 22.45
CA LEU A 160 -29.93 -17.09 21.69
C LEU A 160 -28.88 -18.09 22.14
N PRO A 161 -28.14 -18.66 21.17
CA PRO A 161 -27.10 -19.63 21.50
C PRO A 161 -25.81 -18.95 21.94
N LEU A 162 -25.89 -17.63 22.17
CA LEU A 162 -24.75 -16.84 22.59
C LEU A 162 -24.30 -17.26 23.99
N ARG A 163 -23.04 -17.67 24.09
CA ARG A 163 -22.49 -18.15 25.35
C ARG A 163 -21.70 -17.13 26.18
N LEU A 164 -22.39 -16.06 26.58
CA LEU A 164 -21.79 -15.01 27.40
C LEU A 164 -22.87 -14.61 28.39
N HIS A 165 -22.50 -13.95 29.47
CA HIS A 165 -23.49 -13.55 30.46
C HIS A 165 -24.18 -12.22 30.13
N TRP A 166 -25.47 -12.16 30.43
CA TRP A 166 -26.27 -10.97 30.20
C TRP A 166 -26.13 -10.03 31.38
N GLN A 167 -25.75 -8.80 31.11
CA GLN A 167 -25.59 -7.81 32.17
C GLN A 167 -26.91 -7.14 32.49
N ASN A 168 -27.87 -7.93 32.99
CA ASN A 168 -29.19 -7.44 33.38
C ASN A 168 -30.21 -7.51 32.24
N LYS A 169 -30.74 -8.69 31.99
CA LYS A 169 -31.73 -8.86 30.92
C LYS A 169 -32.98 -8.07 31.23
N SER A 170 -33.57 -8.33 32.39
CA SER A 170 -34.79 -7.64 32.80
C SER A 170 -34.70 -6.17 32.40
N ARG A 171 -33.53 -5.57 32.61
CA ARG A 171 -33.31 -4.18 32.25
C ARG A 171 -33.69 -4.00 30.79
N ASP A 172 -32.90 -4.60 29.91
CA ASP A 172 -33.11 -4.52 28.47
C ASP A 172 -34.52 -4.96 28.07
N ILE A 173 -34.99 -6.06 28.65
CA ILE A 173 -36.32 -6.59 28.34
C ILE A 173 -37.40 -5.56 28.59
N HIS A 174 -37.23 -4.74 29.62
CA HIS A 174 -38.22 -3.72 29.94
C HIS A 174 -38.13 -2.53 29.01
N TYR A 175 -36.92 -2.22 28.56
CA TYR A 175 -36.73 -1.11 27.63
C TYR A 175 -37.53 -1.41 26.37
N ILE A 176 -37.43 -2.65 25.93
CA ILE A 176 -38.12 -3.12 24.73
C ILE A 176 -39.63 -2.98 24.87
N ILE A 177 -40.13 -3.32 26.06
CA ILE A 177 -41.56 -3.22 26.36
C ILE A 177 -42.05 -1.78 26.26
N ARG A 178 -41.29 -0.84 26.82
CA ARG A 178 -41.72 0.54 26.77
C ARG A 178 -41.84 1.01 25.33
N HIS A 179 -40.80 0.75 24.55
CA HIS A 179 -40.78 1.14 23.14
C HIS A 179 -42.05 0.65 22.43
N LEU A 180 -42.30 -0.65 22.51
CA LEU A 180 -43.48 -1.25 21.89
C LEU A 180 -44.72 -0.54 22.41
N THR A 181 -44.78 -0.35 23.73
CA THR A 181 -45.92 0.29 24.39
C THR A 181 -46.15 1.72 23.92
N GLU A 182 -45.08 2.51 23.84
CA GLU A 182 -45.18 3.89 23.40
C GLU A 182 -45.39 3.96 21.89
N THR A 183 -45.17 2.83 21.23
CA THR A 183 -45.30 2.76 19.79
C THR A 183 -46.62 2.15 19.31
N LEU A 184 -47.11 1.14 20.01
CA LEU A 184 -48.35 0.47 19.59
C LEU A 184 -49.57 0.77 20.45
N GLY A 185 -49.36 1.16 21.70
CA GLY A 185 -50.48 1.43 22.59
C GLY A 185 -50.88 0.13 23.25
N PRO A 186 -50.95 0.07 24.59
CA PRO A 186 -51.32 -1.10 25.39
C PRO A 186 -52.34 -2.04 24.75
N GLU A 187 -53.35 -1.48 24.10
CA GLU A 187 -54.39 -2.29 23.47
C GLU A 187 -53.81 -3.24 22.44
N ASN A 188 -53.44 -2.70 21.28
CA ASN A 188 -52.89 -3.51 20.19
C ASN A 188 -51.64 -4.31 20.54
N LEU A 189 -50.87 -3.85 21.52
CA LEU A 189 -49.65 -4.56 21.89
C LEU A 189 -49.94 -6.02 22.24
N SER A 190 -51.16 -6.27 22.71
CA SER A 190 -51.59 -7.61 23.08
C SER A 190 -52.27 -8.31 21.90
N LYS A 191 -52.57 -7.53 20.87
CA LYS A 191 -53.21 -8.05 19.66
C LYS A 191 -52.09 -8.41 18.68
N SER A 192 -50.90 -7.87 18.95
CA SER A 192 -49.73 -8.09 18.12
C SER A 192 -48.79 -9.16 18.68
N HIS A 193 -48.13 -9.88 17.78
CA HIS A 193 -47.19 -10.92 18.19
C HIS A 193 -45.84 -10.80 17.46
N LEU A 194 -45.03 -11.84 17.55
CA LEU A 194 -43.69 -11.82 16.96
C LEU A 194 -43.28 -13.05 16.17
N GLN A 195 -42.39 -12.85 15.20
CA GLN A 195 -41.86 -13.92 14.36
C GLN A 195 -40.41 -13.61 14.08
N VAL A 196 -39.52 -14.11 14.93
CA VAL A 196 -38.09 -13.86 14.77
C VAL A 196 -37.32 -14.96 14.04
N ALA A 197 -36.48 -14.52 13.09
CA ALA A 197 -35.66 -15.42 12.29
C ALA A 197 -34.82 -16.29 13.19
N ASN A 198 -34.59 -17.53 12.76
CA ASN A 198 -33.78 -18.47 13.54
C ASN A 198 -32.34 -18.04 13.71
N GLU A 199 -31.76 -17.46 12.67
CA GLU A 199 -30.37 -17.04 12.71
C GLU A 199 -30.12 -15.56 13.05
N LEU A 200 -29.02 -15.30 13.72
CA LEU A 200 -28.64 -13.94 14.07
C LEU A 200 -27.83 -13.38 12.90
N PHE A 201 -27.96 -12.09 12.67
CA PHE A 201 -27.20 -11.43 11.59
C PHE A 201 -26.03 -10.72 12.26
N TYR A 202 -24.83 -11.27 12.06
CA TYR A 202 -23.63 -10.70 12.66
C TYR A 202 -22.95 -9.64 11.79
N ARG A 203 -22.51 -8.56 12.43
CA ARG A 203 -21.78 -7.53 11.73
C ARG A 203 -20.95 -6.74 12.73
N ASN A 204 -19.65 -6.65 12.48
CA ASN A 204 -18.74 -5.95 13.36
C ASN A 204 -18.84 -6.46 14.79
N LYS A 205 -18.96 -5.53 15.72
CA LYS A 205 -19.06 -5.87 17.13
C LYS A 205 -20.50 -6.06 17.60
N ALA A 206 -21.37 -6.46 16.69
CA ALA A 206 -22.78 -6.68 17.01
C ALA A 206 -23.32 -8.00 16.48
N ALA A 207 -24.38 -8.49 17.14
CA ALA A 207 -25.08 -9.70 16.77
C ALA A 207 -26.53 -9.26 16.66
N TRP A 208 -27.05 -9.22 15.44
CA TRP A 208 -28.42 -8.75 15.23
C TRP A 208 -29.54 -9.78 15.23
N LEU A 209 -30.64 -9.40 15.87
CA LEU A 209 -31.84 -10.23 15.93
C LEU A 209 -32.80 -9.60 14.94
N VAL A 210 -33.33 -10.39 14.02
CA VAL A 210 -34.23 -9.87 13.02
C VAL A 210 -35.54 -10.62 12.98
N GLY A 211 -36.60 -9.93 13.40
CA GLY A 211 -37.92 -10.53 13.40
C GLY A 211 -38.98 -9.60 12.85
N LYS A 212 -40.23 -10.04 12.92
CA LYS A 212 -41.34 -9.23 12.43
C LYS A 212 -42.32 -8.96 13.55
N LEU A 213 -42.73 -7.70 13.67
CA LEU A 213 -43.69 -7.31 14.70
C LEU A 213 -45.05 -7.31 14.05
N ILE A 214 -45.83 -8.35 14.28
CA ILE A 214 -47.14 -8.43 13.66
C ILE A 214 -48.22 -7.66 14.41
N THR A 215 -48.44 -6.43 13.97
CA THR A 215 -49.42 -5.52 14.55
C THR A 215 -50.75 -5.68 13.78
N PRO A 216 -51.88 -5.45 14.46
CA PRO A 216 -53.16 -5.58 13.74
C PRO A 216 -53.21 -4.56 12.59
N SER A 217 -52.34 -3.56 12.66
CA SER A 217 -52.25 -2.53 11.64
C SER A 217 -51.64 -3.18 10.38
N GLY A 218 -50.69 -4.07 10.63
CA GLY A 218 -49.99 -4.77 9.57
C GLY A 218 -48.65 -5.17 10.16
N THR A 219 -47.88 -6.00 9.46
CA THR A 219 -46.58 -6.42 9.99
C THR A 219 -45.54 -5.31 9.93
N LEU A 220 -44.63 -5.31 10.90
CA LEU A 220 -43.60 -4.27 11.04
C LEU A 220 -42.21 -4.83 11.39
N PRO A 221 -41.15 -4.06 11.12
CA PRO A 221 -39.79 -4.52 11.44
C PRO A 221 -39.58 -4.63 12.95
N PHE A 222 -38.78 -5.61 13.37
CA PHE A 222 -38.46 -5.79 14.78
C PHE A 222 -36.99 -6.21 14.84
N LEU A 223 -36.12 -5.27 15.18
CA LEU A 223 -34.69 -5.53 15.23
C LEU A 223 -34.06 -5.16 16.57
N LEU A 224 -33.23 -6.06 17.08
CA LEU A 224 -32.55 -5.83 18.35
C LEU A 224 -31.06 -6.06 18.14
N PRO A 225 -30.26 -5.00 18.27
CA PRO A 225 -28.80 -5.10 18.10
C PRO A 225 -28.21 -5.59 19.41
N ILE A 226 -27.67 -6.81 19.41
CA ILE A 226 -27.07 -7.32 20.63
C ILE A 226 -25.60 -6.94 20.65
N HIS A 227 -25.23 -6.15 21.65
CA HIS A 227 -23.87 -5.71 21.80
C HIS A 227 -23.25 -6.37 23.02
N GLN A 228 -21.94 -6.18 23.17
CA GLN A 228 -21.21 -6.79 24.26
C GLN A 228 -20.31 -5.76 24.96
N THR A 229 -20.36 -5.75 26.29
CA THR A 229 -19.59 -4.85 27.13
C THR A 229 -18.09 -5.05 27.12
N ASP A 230 -17.38 -3.98 27.45
CA ASP A 230 -15.92 -3.96 27.50
C ASP A 230 -15.34 -5.16 28.27
N ASP A 231 -16.17 -5.87 29.02
CA ASP A 231 -15.70 -7.04 29.73
C ASP A 231 -16.65 -8.22 29.58
N GLY A 232 -17.15 -8.42 28.36
CA GLY A 232 -18.04 -9.53 28.02
C GLY A 232 -19.48 -9.59 28.51
N GLU A 233 -20.15 -8.45 28.62
CA GLU A 233 -21.53 -8.45 29.08
C GLU A 233 -22.48 -8.29 27.89
N LEU A 234 -23.43 -9.20 27.75
CA LEU A 234 -24.38 -9.08 26.65
C LEU A 234 -25.50 -8.12 27.02
N PHE A 235 -25.79 -7.18 26.12
CA PHE A 235 -26.87 -6.24 26.34
C PHE A 235 -27.53 -5.82 25.03
N ILE A 236 -28.83 -5.55 25.08
CA ILE A 236 -29.57 -5.14 23.89
C ILE A 236 -29.60 -3.62 23.87
N ASP A 237 -28.90 -3.05 22.89
CA ASP A 237 -28.82 -1.61 22.71
C ASP A 237 -29.93 -1.23 21.75
N THR A 238 -30.92 -0.47 22.21
CA THR A 238 -32.05 -0.05 21.38
C THR A 238 -32.90 -1.13 20.68
N CYS A 239 -34.02 -0.70 20.11
CA CYS A 239 -34.94 -1.57 19.38
C CYS A 239 -35.59 -0.76 18.25
N LEU A 240 -35.43 -1.23 17.01
CA LEU A 240 -35.99 -0.51 15.87
C LEU A 240 -37.17 -1.25 15.22
N THR A 241 -38.33 -0.59 15.21
CA THR A 241 -39.53 -1.16 14.61
C THR A 241 -40.04 -0.34 13.43
N THR A 242 -39.15 0.43 12.82
CA THR A 242 -39.51 1.28 11.69
C THR A 242 -38.91 0.79 10.37
N THR A 243 -39.66 0.94 9.28
CA THR A 243 -39.18 0.52 7.98
C THR A 243 -37.96 1.31 7.53
N ALA A 244 -37.99 2.62 7.73
CA ALA A 244 -36.87 3.46 7.33
C ALA A 244 -35.66 3.01 8.13
N GLU A 245 -35.84 2.85 9.44
CA GLU A 245 -34.75 2.42 10.29
C GLU A 245 -34.13 1.13 9.77
N ALA A 246 -35.00 0.16 9.45
CA ALA A 246 -34.55 -1.13 8.94
C ALA A 246 -33.77 -0.99 7.63
N SER A 247 -34.22 -0.05 6.79
CA SER A 247 -33.55 0.18 5.53
C SER A 247 -32.10 0.62 5.72
N ILE A 248 -31.85 1.41 6.78
CA ILE A 248 -30.50 1.86 7.06
C ILE A 248 -29.66 0.68 7.58
N VAL A 249 -30.21 -0.06 8.55
CA VAL A 249 -29.46 -1.20 9.08
C VAL A 249 -29.00 -2.13 7.96
N PHE A 250 -29.82 -2.27 6.92
CA PHE A 250 -29.45 -3.12 5.79
C PHE A 250 -29.02 -2.26 4.61
N GLY A 251 -28.53 -1.05 4.91
CA GLY A 251 -28.11 -0.13 3.86
C GLY A 251 -26.94 -0.54 2.99
N PHE A 252 -26.92 -0.03 1.77
CA PHE A 252 -25.86 -0.33 0.80
C PHE A 252 -24.48 0.16 1.21
N ALA A 253 -24.41 1.01 2.22
CA ALA A 253 -23.10 1.53 2.64
C ALA A 253 -22.50 0.80 3.84
N ARG A 254 -23.14 -0.30 4.27
CA ARG A 254 -22.61 -1.08 5.38
C ARG A 254 -22.05 -2.38 4.84
N SER A 255 -21.14 -2.99 5.58
CA SER A 255 -20.58 -4.27 5.16
C SER A 255 -21.75 -5.24 5.18
N TYR A 256 -21.71 -6.26 4.34
CA TYR A 256 -22.79 -7.24 4.28
C TYR A 256 -22.92 -7.96 5.64
N PHE A 257 -24.13 -8.42 5.95
CA PHE A 257 -24.33 -9.17 7.19
C PHE A 257 -23.74 -10.59 7.04
N MET A 258 -23.46 -11.22 8.19
CA MET A 258 -22.96 -12.58 8.21
C MET A 258 -24.06 -13.42 8.86
N VAL A 259 -24.96 -13.94 8.03
CA VAL A 259 -26.07 -14.75 8.54
C VAL A 259 -26.07 -16.15 7.89
N TYR A 260 -26.12 -17.19 8.72
CA TYR A 260 -26.13 -18.56 8.22
C TYR A 260 -27.40 -18.82 7.43
N ALA A 261 -27.28 -19.10 6.14
CA ALA A 261 -28.44 -19.34 5.29
C ALA A 261 -28.29 -20.48 4.30
N PRO A 262 -28.67 -21.70 4.72
CA PRO A 262 -28.57 -22.88 3.85
C PRO A 262 -29.44 -22.74 2.60
N LEU A 263 -30.49 -21.93 2.70
CA LEU A 263 -31.39 -21.69 1.59
C LEU A 263 -31.66 -20.17 1.45
N PRO A 264 -30.71 -19.45 0.84
CA PRO A 264 -30.73 -18.00 0.61
C PRO A 264 -32.06 -17.44 0.08
N ALA A 265 -32.49 -17.94 -1.08
CA ALA A 265 -33.72 -17.47 -1.69
C ALA A 265 -34.84 -17.43 -0.69
N ALA A 266 -34.87 -18.42 0.20
CA ALA A 266 -35.90 -18.45 1.22
C ALA A 266 -35.70 -17.24 2.11
N LEU A 267 -34.51 -17.13 2.70
CA LEU A 267 -34.21 -16.00 3.57
C LEU A 267 -34.52 -14.66 2.91
N VAL A 268 -34.14 -14.51 1.65
CA VAL A 268 -34.39 -13.28 0.91
C VAL A 268 -35.88 -12.94 0.87
N GLU A 269 -36.69 -13.92 0.49
CA GLU A 269 -38.14 -13.72 0.40
C GLU A 269 -38.79 -13.32 1.71
N TRP A 270 -38.32 -13.89 2.82
CA TRP A 270 -38.87 -13.53 4.11
C TRP A 270 -38.57 -12.05 4.32
N LEU A 271 -37.32 -11.70 4.08
CA LEU A 271 -36.82 -10.32 4.23
C LEU A 271 -37.63 -9.27 3.50
N ARG A 272 -38.17 -9.58 2.32
CA ARG A 272 -38.95 -8.58 1.57
C ARG A 272 -39.99 -7.89 2.44
N GLU A 273 -40.69 -8.67 3.27
CA GLU A 273 -41.71 -8.13 4.17
C GLU A 273 -41.12 -6.94 4.90
N ILE A 274 -40.07 -7.19 5.69
CA ILE A 274 -39.36 -6.11 6.38
C ILE A 274 -38.69 -5.35 5.24
N LEU A 275 -38.24 -4.13 5.48
CA LEU A 275 -37.56 -3.40 4.40
C LEU A 275 -38.03 -3.79 2.96
N PRO A 276 -39.22 -3.33 2.57
CA PRO A 276 -39.78 -3.63 1.24
C PRO A 276 -39.30 -2.68 0.12
N GLY A 277 -38.33 -1.84 0.43
CA GLY A 277 -37.84 -0.91 -0.58
C GLY A 277 -36.63 -1.48 -1.31
N LYS A 278 -36.12 -2.58 -0.78
CA LYS A 278 -34.97 -3.25 -1.36
C LYS A 278 -35.35 -4.09 -2.56
N THR A 279 -34.55 -4.04 -3.62
CA THR A 279 -34.82 -4.87 -4.80
C THR A 279 -34.24 -6.25 -4.51
N THR A 280 -34.45 -7.19 -5.42
CA THR A 280 -33.97 -8.54 -5.26
C THR A 280 -32.43 -8.59 -5.02
N ALA A 281 -31.68 -8.00 -5.93
CA ALA A 281 -30.22 -7.99 -5.81
C ALA A 281 -29.80 -7.36 -4.49
N GLU A 282 -30.48 -6.29 -4.12
CA GLU A 282 -30.19 -5.58 -2.88
C GLU A 282 -30.38 -6.49 -1.66
N LEU A 283 -31.40 -7.33 -1.69
CA LEU A 283 -31.65 -8.25 -0.58
C LEU A 283 -30.54 -9.30 -0.53
N TYR A 284 -30.14 -9.79 -1.69
CA TYR A 284 -29.08 -10.80 -1.70
C TYR A 284 -27.81 -10.19 -1.16
N MET A 285 -27.48 -9.01 -1.67
CA MET A 285 -26.29 -8.30 -1.28
C MET A 285 -26.28 -8.10 0.23
N ALA A 286 -27.45 -7.79 0.79
CA ALA A 286 -27.52 -7.57 2.22
C ALA A 286 -27.07 -8.79 3.01
N ILE A 287 -27.50 -9.98 2.61
CA ILE A 287 -27.10 -11.19 3.33
C ILE A 287 -25.76 -11.80 2.91
N GLY A 288 -25.06 -11.18 1.97
CA GLY A 288 -23.74 -11.69 1.60
C GLY A 288 -23.49 -12.28 0.23
N CYS A 289 -24.56 -12.63 -0.47
CA CYS A 289 -24.36 -13.21 -1.78
C CYS A 289 -24.15 -12.07 -2.78
N GLN A 290 -22.93 -11.55 -2.76
CA GLN A 290 -22.52 -10.44 -3.60
C GLN A 290 -22.43 -10.78 -5.07
N LYS A 291 -21.79 -11.88 -5.39
CA LYS A 291 -21.66 -12.28 -6.77
C LYS A 291 -23.03 -12.57 -7.37
N HIS A 292 -23.90 -13.26 -6.63
CA HIS A 292 -25.22 -13.52 -7.21
C HIS A 292 -26.00 -12.24 -7.43
N ALA A 293 -25.87 -11.29 -6.51
CA ALA A 293 -26.56 -10.01 -6.62
C ALA A 293 -26.10 -9.27 -7.88
N LYS A 294 -24.89 -9.55 -8.33
CA LYS A 294 -24.39 -8.91 -9.54
C LYS A 294 -25.25 -9.40 -10.71
N THR A 295 -25.58 -10.69 -10.68
CA THR A 295 -26.40 -11.30 -11.72
C THR A 295 -27.78 -10.65 -11.75
N GLU A 296 -28.36 -10.48 -10.57
CA GLU A 296 -29.69 -9.86 -10.41
C GLU A 296 -29.65 -8.38 -10.78
N SER A 297 -28.53 -7.72 -10.50
CA SER A 297 -28.38 -6.31 -10.81
C SER A 297 -28.41 -6.08 -12.31
N TYR A 298 -27.75 -6.96 -13.05
CA TYR A 298 -27.73 -6.86 -14.50
C TYR A 298 -29.13 -7.07 -15.08
N ARG A 299 -29.94 -7.88 -14.37
CA ARG A 299 -31.29 -8.15 -14.82
C ARG A 299 -32.21 -6.97 -14.60
N GLU A 300 -32.13 -6.39 -13.41
CA GLU A 300 -32.96 -5.23 -13.09
C GLU A 300 -32.56 -4.10 -14.04
N TYR A 301 -31.29 -4.10 -14.44
CA TYR A 301 -30.78 -3.10 -15.36
C TYR A 301 -31.43 -3.29 -16.72
N LEU A 302 -31.45 -4.54 -17.18
CA LEU A 302 -32.05 -4.88 -18.47
C LEU A 302 -33.54 -4.62 -18.48
N VAL A 303 -34.21 -4.87 -17.36
CA VAL A 303 -35.64 -4.61 -17.28
C VAL A 303 -35.86 -3.10 -17.44
N TYR A 304 -35.29 -2.33 -16.51
CA TYR A 304 -35.45 -0.87 -16.54
C TYR A 304 -35.08 -0.28 -17.89
N LEU A 305 -34.02 -0.81 -18.51
CA LEU A 305 -33.56 -0.29 -19.80
C LEU A 305 -34.57 -0.51 -20.92
N GLN A 306 -35.10 -1.73 -21.02
CA GLN A 306 -36.05 -2.02 -22.08
C GLN A 306 -37.35 -1.23 -21.90
N GLY A 307 -37.61 -0.79 -20.68
CA GLY A 307 -38.84 -0.06 -20.42
C GLY A 307 -38.74 1.44 -20.30
N CYS A 308 -37.68 2.05 -20.82
CA CYS A 308 -37.55 3.50 -20.74
C CYS A 308 -37.04 4.09 -22.06
N ASN A 309 -37.54 5.26 -22.41
CA ASN A 309 -37.09 5.93 -23.63
C ASN A 309 -36.26 7.15 -23.26
N GLU A 310 -35.25 6.90 -22.43
CA GLU A 310 -34.31 7.92 -21.98
C GLU A 310 -32.92 7.42 -22.35
N GLN A 311 -32.00 8.35 -22.61
CA GLN A 311 -30.64 8.00 -22.98
C GLN A 311 -29.65 8.24 -21.84
N PHE A 312 -28.50 7.57 -21.92
CA PHE A 312 -27.44 7.71 -20.92
C PHE A 312 -26.85 9.11 -20.99
N ILE A 313 -26.77 9.79 -19.85
CA ILE A 313 -26.20 11.14 -19.79
C ILE A 313 -25.22 11.23 -18.66
N GLU A 314 -24.27 12.14 -18.77
CA GLU A 314 -23.27 12.31 -17.72
C GLU A 314 -23.92 12.71 -16.40
N ALA A 315 -23.52 12.04 -15.32
CA ALA A 315 -24.08 12.30 -14.00
C ALA A 315 -23.99 13.76 -13.55
N PRO A 316 -25.09 14.29 -12.99
CA PRO A 316 -25.23 15.66 -12.49
C PRO A 316 -24.17 15.98 -11.45
N GLY A 317 -23.52 17.14 -11.60
CA GLY A 317 -22.50 17.54 -10.64
C GLY A 317 -21.22 18.09 -11.26
N ILE A 318 -20.16 18.07 -10.45
CA ILE A 318 -18.87 18.55 -10.87
C ILE A 318 -18.00 17.43 -11.44
N ARG A 319 -17.77 17.47 -12.75
CA ARG A 319 -16.94 16.49 -13.48
C ARG A 319 -15.64 16.24 -12.73
N GLY A 320 -15.20 14.99 -12.69
CA GLY A 320 -13.98 14.68 -11.96
C GLY A 320 -12.68 14.62 -12.73
N MET A 321 -11.58 14.67 -11.99
CA MET A 321 -10.23 14.62 -12.55
C MET A 321 -9.83 13.22 -13.05
N VAL A 322 -10.43 12.16 -12.51
CA VAL A 322 -10.04 10.81 -12.97
C VAL A 322 -11.14 9.86 -13.45
N MET A 323 -12.34 9.98 -12.90
CA MET A 323 -13.42 9.10 -13.32
C MET A 323 -14.38 9.80 -14.27
N LEU A 324 -15.01 8.99 -15.11
CA LEU A 324 -16.01 9.48 -16.04
C LEU A 324 -17.23 8.71 -15.59
N VAL A 325 -18.24 9.41 -15.10
CA VAL A 325 -19.42 8.75 -14.61
C VAL A 325 -20.71 9.20 -15.27
N PHE A 326 -21.49 8.22 -15.69
CA PHE A 326 -22.75 8.50 -16.35
C PHE A 326 -23.89 7.76 -15.68
N THR A 327 -25.11 7.98 -16.15
CA THR A 327 -26.28 7.37 -15.52
C THR A 327 -27.50 7.47 -16.43
N LEU A 328 -28.52 6.68 -16.13
CA LEU A 328 -29.77 6.74 -16.89
C LEU A 328 -30.70 7.59 -16.03
N PRO A 329 -31.36 8.59 -16.64
CA PRO A 329 -32.27 9.48 -15.92
C PRO A 329 -33.08 8.88 -14.77
N GLY A 330 -33.87 7.84 -15.05
CA GLY A 330 -34.69 7.28 -13.99
C GLY A 330 -34.12 6.09 -13.26
N PHE A 331 -32.83 5.80 -13.45
CA PHE A 331 -32.17 4.65 -12.80
C PHE A 331 -31.44 5.09 -11.52
N ASP A 332 -31.49 4.24 -10.50
CA ASP A 332 -30.89 4.54 -9.21
C ASP A 332 -29.42 4.19 -9.04
N ARG A 333 -28.67 4.20 -10.15
CA ARG A 333 -27.24 3.86 -10.11
C ARG A 333 -26.45 4.70 -11.10
N VAL A 334 -25.13 4.71 -10.95
CA VAL A 334 -24.27 5.44 -11.87
C VAL A 334 -23.16 4.49 -12.31
N PHE A 335 -22.61 4.76 -13.48
CA PHE A 335 -21.55 3.96 -14.02
C PHE A 335 -20.32 4.85 -13.92
N LYS A 336 -19.20 4.27 -13.52
CA LYS A 336 -17.97 5.04 -13.37
C LYS A 336 -16.82 4.36 -14.09
N VAL A 337 -16.15 5.07 -14.98
CA VAL A 337 -15.01 4.48 -15.67
C VAL A 337 -13.74 5.32 -15.45
N ILE A 338 -12.61 4.64 -15.25
CA ILE A 338 -11.34 5.33 -15.09
C ILE A 338 -11.04 5.95 -16.45
N LYS A 339 -10.60 7.21 -16.46
CA LYS A 339 -10.29 7.90 -17.71
C LYS A 339 -8.92 7.51 -18.25
N ASP A 340 -8.75 7.56 -19.57
CA ASP A 340 -7.47 7.23 -20.16
C ASP A 340 -6.36 8.05 -19.50
N LYS A 341 -6.52 9.37 -19.45
CA LYS A 341 -5.52 10.25 -18.84
C LYS A 341 -6.18 11.14 -17.78
N PHE A 342 -5.48 11.40 -16.68
CA PHE A 342 -6.05 12.25 -15.64
C PHE A 342 -5.63 13.71 -15.79
N ALA A 343 -6.34 14.59 -15.09
CA ALA A 343 -6.03 16.02 -15.12
C ALA A 343 -4.57 16.22 -14.63
N PRO A 344 -3.81 17.10 -15.30
CA PRO A 344 -2.41 17.40 -14.97
C PRO A 344 -2.06 17.37 -13.48
N GLN A 345 -2.94 17.92 -12.67
CA GLN A 345 -2.73 17.98 -11.21
C GLN A 345 -2.61 16.59 -10.58
N LYS A 346 -2.99 15.56 -11.33
CA LYS A 346 -2.96 14.19 -10.80
C LYS A 346 -1.72 13.41 -11.21
N GLU A 347 -1.20 12.61 -10.27
CA GLU A 347 -0.01 11.79 -10.53
C GLU A 347 -0.14 10.40 -9.90
N MET A 348 -1.12 9.64 -10.39
CA MET A 348 -1.36 8.28 -9.92
C MET A 348 -1.74 7.40 -11.13
N SER A 349 -1.59 6.09 -10.97
CA SER A 349 -1.90 5.17 -12.06
C SER A 349 -3.32 4.61 -11.98
N ALA A 350 -3.84 4.18 -13.13
CA ALA A 350 -5.16 3.59 -13.14
C ALA A 350 -5.13 2.41 -12.15
N ALA A 351 -3.99 1.72 -12.11
CA ALA A 351 -3.80 0.59 -11.23
C ALA A 351 -4.06 0.95 -9.77
N HIS A 352 -3.58 2.12 -9.36
CA HIS A 352 -3.76 2.58 -7.99
C HIS A 352 -5.23 2.90 -7.73
N VAL A 353 -5.89 3.50 -8.72
CA VAL A 353 -7.29 3.82 -8.56
C VAL A 353 -8.03 2.52 -8.33
N ARG A 354 -7.77 1.56 -9.21
CA ARG A 354 -8.40 0.26 -9.15
C ARG A 354 -8.14 -0.45 -7.82
N ALA A 355 -6.97 -0.20 -7.26
CA ALA A 355 -6.61 -0.82 -6.01
C ALA A 355 -7.47 -0.28 -4.87
N CYS A 356 -7.72 1.03 -4.89
CA CYS A 356 -8.53 1.68 -3.86
C CYS A 356 -9.95 1.16 -3.85
N TYR A 357 -10.52 0.99 -5.04
CA TYR A 357 -11.87 0.49 -5.12
C TYR A 357 -11.93 -0.91 -4.51
N GLN A 358 -10.87 -1.68 -4.74
CA GLN A 358 -10.76 -3.02 -4.23
C GLN A 358 -10.60 -2.96 -2.71
N LEU A 359 -9.81 -1.97 -2.29
CA LEU A 359 -9.51 -1.70 -0.89
C LEU A 359 -10.80 -1.50 -0.12
N VAL A 360 -11.65 -0.60 -0.61
CA VAL A 360 -12.88 -0.33 0.10
C VAL A 360 -13.93 -1.43 -0.04
N LYS A 361 -13.93 -2.15 -1.15
CA LYS A 361 -14.89 -3.23 -1.33
C LYS A 361 -14.83 -4.20 -0.15
N GLU A 362 -13.62 -4.68 0.14
CA GLU A 362 -13.45 -5.63 1.22
C GLU A 362 -13.13 -4.99 2.56
N HIS A 363 -13.50 -3.72 2.69
CA HIS A 363 -13.24 -3.00 3.93
C HIS A 363 -14.46 -2.89 4.81
N ASP A 364 -14.26 -2.59 6.08
CA ASP A 364 -15.38 -2.40 7.01
C ASP A 364 -15.97 -1.05 6.57
N ARG A 365 -16.79 -1.10 5.53
CA ARG A 365 -17.41 0.09 4.94
C ARG A 365 -18.04 1.06 5.95
N VAL A 366 -18.21 0.58 7.16
CA VAL A 366 -18.73 1.38 8.26
C VAL A 366 -20.01 2.20 8.05
N GLY A 367 -20.71 1.96 6.94
CA GLY A 367 -21.93 2.71 6.67
C GLY A 367 -21.68 4.06 6.02
N ARG A 368 -20.42 4.33 5.67
CA ARG A 368 -20.03 5.59 5.03
C ARG A 368 -19.37 5.46 3.63
N MET A 369 -19.17 4.24 3.15
CA MET A 369 -18.58 4.02 1.81
C MET A 369 -19.53 3.05 1.10
N ALA A 370 -19.90 3.37 -0.14
CA ALA A 370 -20.85 2.56 -0.89
C ALA A 370 -20.27 1.34 -1.60
N ASP A 371 -21.07 0.27 -1.63
CA ASP A 371 -20.65 -0.95 -2.31
C ASP A 371 -20.62 -0.65 -3.80
N THR A 372 -19.74 -1.32 -4.53
CA THR A 372 -19.68 -1.11 -5.98
C THR A 372 -19.53 -2.44 -6.69
N GLN A 373 -19.86 -2.46 -7.97
CA GLN A 373 -19.75 -3.65 -8.76
C GLN A 373 -18.87 -3.38 -9.99
N GLU A 374 -17.79 -4.14 -10.07
CA GLU A 374 -16.86 -4.00 -11.19
C GLU A 374 -17.40 -4.87 -12.31
N PHE A 375 -17.46 -4.31 -13.51
CA PHE A 375 -17.93 -5.01 -14.67
C PHE A 375 -16.90 -4.92 -15.78
N GLU A 376 -16.63 -6.06 -16.39
CA GLU A 376 -15.68 -6.18 -17.49
C GLU A 376 -16.49 -6.25 -18.79
N ASN A 377 -16.06 -5.53 -19.82
CA ASN A 377 -16.76 -5.57 -21.09
C ASN A 377 -18.27 -5.36 -21.02
N PHE A 378 -18.68 -4.26 -20.40
CA PHE A 378 -20.09 -3.92 -20.29
C PHE A 378 -20.52 -3.40 -21.66
N VAL A 379 -21.63 -3.92 -22.18
CA VAL A 379 -22.08 -3.53 -23.51
C VAL A 379 -23.25 -2.55 -23.51
N LEU A 380 -23.14 -1.53 -24.35
CA LEU A 380 -24.18 -0.51 -24.48
C LEU A 380 -24.56 -0.34 -25.95
N GLU A 381 -25.83 -0.02 -26.18
CA GLU A 381 -26.39 0.20 -27.53
C GLU A 381 -26.26 1.67 -27.95
N LYS A 382 -25.39 1.95 -28.92
CA LYS A 382 -25.19 3.31 -29.42
C LYS A 382 -26.45 4.18 -29.38
N ARG A 383 -27.55 3.67 -29.93
CA ARG A 383 -28.80 4.42 -29.94
C ARG A 383 -29.30 4.77 -28.55
N HIS A 384 -28.60 4.32 -27.52
CA HIS A 384 -28.99 4.62 -26.14
C HIS A 384 -28.11 5.71 -25.50
N ILE A 385 -26.90 5.88 -26.00
CA ILE A 385 -25.99 6.88 -25.47
C ILE A 385 -26.36 8.24 -26.02
N SER A 386 -26.48 9.23 -25.15
CA SER A 386 -26.80 10.58 -25.61
C SER A 386 -25.57 11.11 -26.37
N PRO A 387 -25.80 11.84 -27.48
CA PRO A 387 -24.73 12.41 -28.31
C PRO A 387 -23.65 13.16 -27.52
N ALA A 388 -24.08 13.92 -26.52
CA ALA A 388 -23.15 14.67 -25.69
C ALA A 388 -22.21 13.73 -24.93
N LEU A 389 -22.76 12.60 -24.50
CA LEU A 389 -22.00 11.58 -23.75
C LEU A 389 -21.12 10.70 -24.64
N MET A 390 -21.61 10.35 -25.82
CA MET A 390 -20.80 9.49 -26.69
C MET A 390 -19.48 10.14 -27.02
N GLU A 391 -19.47 11.45 -27.21
CA GLU A 391 -18.23 12.13 -27.55
C GLU A 391 -17.30 12.27 -26.36
N LEU A 392 -17.89 12.27 -25.17
CA LEU A 392 -17.09 12.38 -23.95
C LEU A 392 -16.31 11.08 -23.81
N LEU A 393 -17.03 9.97 -23.94
CA LEU A 393 -16.45 8.64 -23.84
C LEU A 393 -15.35 8.48 -24.88
N LEU A 394 -15.66 8.74 -26.14
CA LEU A 394 -14.68 8.61 -27.21
C LEU A 394 -13.46 9.49 -26.99
N GLN A 395 -13.66 10.61 -26.31
CA GLN A 395 -12.58 11.54 -26.07
C GLN A 395 -11.82 11.30 -24.78
N GLU A 396 -12.51 10.78 -23.77
CA GLU A 396 -11.88 10.57 -22.47
C GLU A 396 -11.56 9.12 -22.13
N ALA A 397 -12.23 8.16 -22.78
CA ALA A 397 -11.99 6.76 -22.49
C ALA A 397 -11.86 5.93 -23.76
N ALA A 398 -11.42 6.57 -24.83
CA ALA A 398 -11.25 5.92 -26.12
C ALA A 398 -10.58 4.55 -25.98
N GLU A 399 -9.55 4.47 -25.13
CA GLU A 399 -8.85 3.22 -24.92
C GLU A 399 -9.72 2.13 -24.31
N LYS A 400 -10.73 2.52 -23.55
CA LYS A 400 -11.59 1.54 -22.90
C LYS A 400 -12.86 1.20 -23.65
N ILE A 401 -12.99 1.66 -24.88
CA ILE A 401 -14.19 1.34 -25.62
C ILE A 401 -13.88 0.81 -27.02
N THR A 402 -14.60 -0.23 -27.44
CA THR A 402 -14.41 -0.81 -28.76
C THR A 402 -15.74 -0.74 -29.48
N ASP A 403 -15.68 -0.44 -30.77
CA ASP A 403 -16.87 -0.32 -31.60
C ASP A 403 -17.35 -1.68 -32.09
N LEU A 404 -18.67 -1.81 -32.26
CA LEU A 404 -19.26 -3.05 -32.75
C LEU A 404 -20.49 -2.68 -33.55
N GLY A 405 -20.35 -1.65 -34.36
CA GLY A 405 -21.47 -1.21 -35.15
C GLY A 405 -22.54 -0.58 -34.28
N GLU A 406 -23.69 -1.23 -34.19
CA GLU A 406 -24.81 -0.71 -33.40
C GLU A 406 -24.56 -0.59 -31.90
N GLN A 407 -23.51 -1.23 -31.39
CA GLN A 407 -23.24 -1.17 -29.95
C GLN A 407 -21.74 -1.06 -29.64
N ILE A 408 -21.42 -0.50 -28.48
CA ILE A 408 -20.02 -0.35 -28.06
C ILE A 408 -19.75 -1.18 -26.81
N VAL A 409 -18.48 -1.45 -26.57
CA VAL A 409 -18.07 -2.23 -25.42
C VAL A 409 -17.09 -1.44 -24.55
N ILE A 410 -17.49 -1.19 -23.30
CA ILE A 410 -16.60 -0.50 -22.37
C ILE A 410 -15.91 -1.63 -21.62
N ARG A 411 -14.58 -1.62 -21.62
CA ARG A 411 -13.84 -2.68 -20.97
C ARG A 411 -14.01 -2.81 -19.47
N HIS A 412 -13.81 -1.73 -18.74
CA HIS A 412 -13.89 -1.80 -17.30
C HIS A 412 -14.70 -0.63 -16.75
N LEU A 413 -15.48 -0.89 -15.70
CA LEU A 413 -16.29 0.16 -15.08
C LEU A 413 -16.91 -0.26 -13.76
N TYR A 414 -17.36 0.71 -12.98
CA TYR A 414 -17.98 0.41 -11.69
C TYR A 414 -19.43 0.87 -11.69
N ILE A 415 -20.26 0.16 -10.95
CA ILE A 415 -21.66 0.53 -10.85
C ILE A 415 -21.95 0.68 -9.37
N GLU A 416 -22.61 1.78 -9.01
CA GLU A 416 -22.98 2.04 -7.63
C GLU A 416 -24.21 2.90 -7.44
N ARG A 417 -24.78 2.81 -6.25
CA ARG A 417 -25.97 3.56 -5.87
C ARG A 417 -25.79 5.02 -6.26
N ARG A 418 -26.82 5.59 -6.87
CA ARG A 418 -26.78 6.98 -7.27
C ARG A 418 -27.30 7.82 -6.10
N MET A 419 -26.49 8.77 -5.65
CA MET A 419 -26.89 9.65 -4.56
C MET A 419 -26.84 11.04 -5.14
N VAL A 420 -27.18 12.05 -4.36
CA VAL A 420 -27.05 13.41 -4.90
C VAL A 420 -25.76 13.99 -4.29
N PRO A 421 -24.88 14.51 -5.15
CA PRO A 421 -23.62 15.10 -4.68
C PRO A 421 -23.88 16.09 -3.56
N LEU A 422 -23.26 15.83 -2.41
CA LEU A 422 -23.43 16.65 -1.22
C LEU A 422 -23.17 18.13 -1.47
N ASN A 423 -22.38 18.47 -2.49
CA ASN A 423 -22.12 19.87 -2.79
C ASN A 423 -23.37 20.49 -3.40
N ILE A 424 -24.20 19.67 -4.00
CA ILE A 424 -25.43 20.17 -4.57
C ILE A 424 -26.48 20.26 -3.45
N TRP A 425 -26.49 19.28 -2.56
CA TRP A 425 -27.45 19.27 -1.46
C TRP A 425 -27.29 20.51 -0.59
N LEU A 426 -26.06 20.82 -0.21
CA LEU A 426 -25.80 21.96 0.66
C LEU A 426 -26.21 23.28 0.04
N GLU A 427 -26.55 23.25 -1.25
CA GLU A 427 -26.96 24.47 -1.91
C GLU A 427 -28.48 24.50 -2.14
N GLN A 428 -29.12 23.36 -1.90
CA GLN A 428 -30.56 23.19 -2.07
C GLN A 428 -31.33 23.24 -0.75
N VAL A 429 -30.70 22.72 0.29
CA VAL A 429 -31.28 22.62 1.62
C VAL A 429 -31.06 23.85 2.50
N GLU A 430 -31.89 23.99 3.53
CA GLU A 430 -31.81 25.12 4.43
C GLU A 430 -32.36 24.79 5.82
N GLY A 431 -31.97 25.62 6.81
CA GLY A 431 -32.44 25.44 8.17
C GLY A 431 -32.03 24.16 8.87
N GLN A 432 -33.03 23.45 9.38
CA GLN A 432 -32.80 22.20 10.08
C GLN A 432 -32.17 21.20 9.14
N GLN A 433 -32.72 21.13 7.93
CA GLN A 433 -32.26 20.21 6.92
C GLN A 433 -30.78 20.42 6.62
N LEU A 434 -30.30 21.66 6.76
CA LEU A 434 -28.90 21.97 6.51
C LEU A 434 -28.06 21.53 7.70
N ARG A 435 -28.60 21.71 8.91
CA ARG A 435 -27.88 21.30 10.12
C ARG A 435 -27.72 19.79 10.08
N ASP A 436 -28.77 19.09 9.69
CA ASP A 436 -28.73 17.63 9.62
C ASP A 436 -27.68 17.14 8.63
N ALA A 437 -27.47 17.89 7.55
CA ALA A 437 -26.49 17.52 6.53
C ALA A 437 -25.06 17.72 7.02
N ILE A 438 -24.79 18.85 7.68
CA ILE A 438 -23.46 19.14 8.17
C ILE A 438 -23.08 18.16 9.28
N GLU A 439 -24.04 17.86 10.16
CA GLU A 439 -23.78 16.93 11.25
C GLU A 439 -23.45 15.60 10.59
N GLU A 440 -24.37 15.16 9.75
CA GLU A 440 -24.24 13.91 9.02
C GLU A 440 -22.90 13.86 8.28
N TYR A 441 -22.48 15.00 7.72
CA TYR A 441 -21.21 15.06 7.00
C TYR A 441 -20.03 14.89 7.93
N GLY A 442 -20.03 15.67 9.01
CA GLY A 442 -18.96 15.58 10.00
C GLY A 442 -18.81 14.20 10.59
N ASN A 443 -19.95 13.55 10.89
CA ASN A 443 -19.90 12.19 11.44
C ASN A 443 -19.36 11.18 10.43
N ALA A 444 -19.50 11.49 9.14
CA ALA A 444 -19.01 10.61 8.09
C ALA A 444 -17.48 10.55 8.18
N ILE A 445 -16.88 11.72 8.23
CA ILE A 445 -15.43 11.89 8.34
C ILE A 445 -14.97 11.17 9.60
N ARG A 446 -15.67 11.43 10.70
CA ARG A 446 -15.33 10.80 11.97
C ARG A 446 -15.28 9.28 11.88
N GLN A 447 -16.35 8.67 11.38
CA GLN A 447 -16.37 7.21 11.28
C GLN A 447 -15.38 6.61 10.27
N LEU A 448 -15.17 7.28 9.15
CA LEU A 448 -14.22 6.78 8.16
C LEU A 448 -12.86 6.78 8.85
N ALA A 449 -12.56 7.89 9.51
CA ALA A 449 -11.30 8.05 10.23
C ALA A 449 -11.14 6.91 11.24
N ALA A 450 -12.10 6.72 12.13
CA ALA A 450 -12.01 5.67 13.14
C ALA A 450 -11.86 4.26 12.59
N ALA A 451 -12.03 4.09 11.27
CA ALA A 451 -11.88 2.77 10.66
C ALA A 451 -10.67 2.71 9.73
N ASN A 452 -9.65 3.48 10.09
CA ASN A 452 -8.39 3.58 9.35
C ASN A 452 -8.50 4.07 7.91
N ILE A 453 -9.55 4.82 7.61
CA ILE A 453 -9.72 5.36 6.27
C ILE A 453 -9.69 6.89 6.31
N PHE A 454 -8.73 7.48 5.60
CA PHE A 454 -8.65 8.92 5.55
C PHE A 454 -9.13 9.35 4.16
N PRO A 455 -10.22 10.12 4.10
CA PRO A 455 -10.70 10.54 2.78
C PRO A 455 -9.55 11.33 2.20
N GLY A 456 -9.30 11.22 0.91
CA GLY A 456 -8.16 11.95 0.39
C GLY A 456 -8.47 13.42 0.26
N ASP A 457 -9.60 13.67 -0.38
CA ASP A 457 -10.11 14.97 -0.64
C ASP A 457 -11.45 15.01 0.10
N MET A 458 -11.57 15.84 1.13
CA MET A 458 -12.82 15.89 1.90
C MET A 458 -13.84 16.88 1.35
N LEU A 459 -13.58 17.41 0.16
CA LEU A 459 -14.51 18.36 -0.45
C LEU A 459 -15.87 17.73 -0.72
N PHE A 460 -16.91 18.45 -0.35
CA PHE A 460 -18.29 18.03 -0.49
C PHE A 460 -18.61 17.25 -1.76
N LYS A 461 -18.01 17.65 -2.87
CA LYS A 461 -18.26 16.98 -4.14
C LYS A 461 -17.93 15.50 -4.14
N ASN A 462 -17.23 15.03 -3.12
CA ASN A 462 -16.86 13.61 -3.04
C ASN A 462 -17.75 12.80 -2.13
N PHE A 463 -18.85 13.42 -1.68
CA PHE A 463 -19.79 12.73 -0.82
C PHE A 463 -21.16 12.77 -1.49
N GLY A 464 -22.04 11.86 -1.07
CA GLY A 464 -23.37 11.81 -1.64
C GLY A 464 -24.44 11.76 -0.57
N VAL A 465 -25.64 12.22 -0.91
CA VAL A 465 -26.73 12.21 0.05
C VAL A 465 -27.75 11.14 -0.36
N THR A 466 -28.07 10.24 0.56
CA THR A 466 -29.01 9.16 0.26
C THR A 466 -30.48 9.54 0.45
N ARG A 467 -31.34 8.58 0.08
CA ARG A 467 -32.78 8.74 0.20
C ARG A 467 -33.11 9.15 1.62
N HIS A 468 -32.30 8.68 2.56
CA HIS A 468 -32.53 8.99 3.97
C HIS A 468 -31.76 10.19 4.46
N GLY A 469 -31.11 10.91 3.56
CA GLY A 469 -30.36 12.09 3.96
C GLY A 469 -29.04 11.81 4.63
N ARG A 470 -28.49 10.62 4.39
CA ARG A 470 -27.21 10.25 5.00
C ARG A 470 -26.09 10.61 4.04
N VAL A 471 -24.95 10.95 4.61
CA VAL A 471 -23.80 11.35 3.82
C VAL A 471 -22.89 10.17 3.72
N VAL A 472 -22.58 9.79 2.50
CA VAL A 472 -21.73 8.66 2.20
C VAL A 472 -20.61 9.10 1.28
N PHE A 473 -19.39 8.66 1.60
CA PHE A 473 -18.20 9.00 0.82
C PHE A 473 -18.11 8.10 -0.41
N TYR A 474 -17.70 8.67 -1.55
CA TYR A 474 -17.59 7.87 -2.76
C TYR A 474 -16.38 8.06 -3.66
N ASP A 475 -15.48 8.97 -3.32
CA ASP A 475 -14.30 9.23 -4.14
C ASP A 475 -13.14 8.41 -3.57
N TYR A 476 -13.14 7.13 -3.90
CA TYR A 476 -12.18 6.18 -3.36
C TYR A 476 -10.69 6.24 -3.67
N ASP A 477 -10.31 6.70 -4.84
CA ASP A 477 -8.88 6.71 -5.11
C ASP A 477 -8.17 7.87 -4.40
N GLU A 478 -8.93 8.68 -3.66
CA GLU A 478 -8.36 9.79 -2.91
C GLU A 478 -7.83 9.25 -1.58
N ILE A 479 -8.49 8.19 -1.13
CA ILE A 479 -8.23 7.52 0.14
C ILE A 479 -6.81 6.98 0.37
N CYS A 480 -6.51 6.77 1.65
CA CYS A 480 -5.25 6.20 2.11
C CYS A 480 -5.55 5.79 3.55
N TYR A 481 -4.79 4.84 4.08
CA TYR A 481 -5.06 4.41 5.46
C TYR A 481 -4.73 5.52 6.44
N MET A 482 -5.41 5.53 7.58
CA MET A 482 -5.15 6.55 8.57
C MET A 482 -3.74 6.37 9.16
N THR A 483 -3.34 5.13 9.41
CA THR A 483 -2.00 4.85 9.92
C THR A 483 -1.10 4.89 8.70
N GLU A 484 -0.88 6.08 8.16
CA GLU A 484 -0.06 6.22 6.95
C GLU A 484 0.00 7.70 6.56
N VAL A 485 -0.58 8.53 7.40
CA VAL A 485 -0.60 9.97 7.18
C VAL A 485 -0.01 10.65 8.39
N ASN A 486 0.76 11.71 8.12
CA ASN A 486 1.43 12.49 9.16
C ASN A 486 0.64 13.77 9.44
N PHE A 487 0.01 13.84 10.59
CA PHE A 487 -0.77 15.03 10.94
C PHE A 487 0.10 16.12 11.53
N ARG A 488 -0.18 17.36 11.14
CA ARG A 488 0.62 18.49 11.59
C ARG A 488 -0.20 19.62 12.21
N ASP A 489 0.42 20.39 13.10
CA ASP A 489 -0.27 21.50 13.76
C ASP A 489 -0.34 22.81 12.99
N ILE A 490 0.82 23.27 12.52
CA ILE A 490 0.86 24.54 11.80
C ILE A 490 0.95 24.41 10.29
N PRO A 491 -0.03 24.97 9.56
CA PRO A 491 -0.17 24.98 8.09
C PRO A 491 0.96 25.73 7.36
N PRO A 492 1.30 25.30 6.14
CA PRO A 492 2.37 25.96 5.37
C PRO A 492 1.99 27.35 4.88
N PRO A 493 2.95 28.28 4.80
CA PRO A 493 2.62 29.63 4.33
C PRO A 493 2.04 29.54 2.92
N ARG A 494 1.38 30.60 2.48
CA ARG A 494 0.79 30.59 1.15
C ARG A 494 1.18 31.80 0.30
N TYR A 495 0.73 32.97 0.73
CA TYR A 495 0.95 34.20 -0.01
C TYR A 495 0.21 33.99 -1.33
N PRO A 496 -1.11 33.66 -1.24
CA PRO A 496 -2.00 33.41 -2.37
C PRO A 496 -2.03 34.49 -3.45
N PRO A 504 9.39 26.65 -2.11
CA PRO A 504 8.81 26.59 -0.75
C PRO A 504 9.90 26.29 0.26
N TRP A 505 10.17 27.23 1.15
CA TRP A 505 11.20 27.00 2.15
C TRP A 505 10.54 26.22 3.28
N TYR A 506 9.21 26.32 3.35
CA TYR A 506 8.48 25.61 4.38
C TYR A 506 8.16 24.24 3.81
N SER A 507 9.18 23.38 3.85
CA SER A 507 9.12 22.02 3.33
C SER A 507 8.05 21.08 3.88
N VAL A 508 7.14 20.67 2.99
CA VAL A 508 6.07 19.75 3.35
C VAL A 508 6.40 18.50 2.54
N SER A 509 6.13 17.32 3.09
CA SER A 509 6.42 16.09 2.36
C SER A 509 5.22 15.17 2.25
N PRO A 510 5.23 14.27 1.25
CA PRO A 510 4.14 13.32 1.00
C PRO A 510 3.61 12.72 2.31
N GLY A 511 2.29 12.77 2.49
CA GLY A 511 1.70 12.22 3.70
C GLY A 511 1.34 13.23 4.76
N ASP A 512 1.85 14.45 4.62
CA ASP A 512 1.55 15.51 5.59
C ASP A 512 0.14 16.04 5.44
N VAL A 513 -0.54 16.22 6.56
CA VAL A 513 -1.91 16.71 6.55
C VAL A 513 -2.14 17.76 7.65
N PHE A 514 -2.61 18.93 7.23
CA PHE A 514 -2.84 20.03 8.14
C PHE A 514 -4.31 20.35 8.36
N PRO A 515 -4.92 19.68 9.34
CA PRO A 515 -6.32 19.82 9.73
C PRO A 515 -6.83 21.26 9.86
N GLU A 516 -5.91 22.23 9.95
CA GLU A 516 -6.34 23.62 10.07
C GLU A 516 -6.60 24.25 8.72
N GLU A 517 -6.06 23.65 7.67
CA GLU A 517 -6.29 24.15 6.33
C GLU A 517 -7.72 23.75 5.91
N PHE A 518 -8.31 22.81 6.66
CA PHE A 518 -9.67 22.34 6.39
C PHE A 518 -10.66 23.47 6.59
N ARG A 519 -10.38 24.32 7.58
CA ARG A 519 -11.21 25.48 7.89
C ARG A 519 -11.51 26.23 6.60
N HIS A 520 -10.44 26.56 5.89
CA HIS A 520 -10.50 27.29 4.62
C HIS A 520 -11.53 26.76 3.61
N TRP A 521 -11.64 25.45 3.47
CA TRP A 521 -12.60 24.85 2.54
C TRP A 521 -13.94 24.53 3.20
N LEU A 522 -13.92 23.59 4.12
CA LEU A 522 -15.13 23.17 4.82
C LEU A 522 -15.89 24.28 5.53
N CYS A 523 -15.33 25.49 5.58
CA CYS A 523 -16.01 26.60 6.27
C CYS A 523 -16.06 27.95 5.55
N ALA A 524 -15.84 27.95 4.24
CA ALA A 524 -15.85 29.18 3.45
C ALA A 524 -17.23 29.82 3.24
N ASP A 525 -18.27 29.01 3.21
CA ASP A 525 -19.64 29.51 3.04
C ASP A 525 -20.20 29.86 4.42
N PRO A 526 -20.53 31.15 4.62
CA PRO A 526 -21.07 31.62 5.90
C PRO A 526 -22.27 30.82 6.38
N ARG A 527 -22.97 30.18 5.44
CA ARG A 527 -24.13 29.38 5.79
C ARG A 527 -23.78 28.16 6.62
N ILE A 528 -22.67 27.52 6.29
CA ILE A 528 -22.27 26.30 6.98
C ILE A 528 -21.12 26.45 8.01
N GLY A 529 -20.20 27.38 7.75
CA GLY A 529 -19.09 27.58 8.67
C GLY A 529 -19.47 27.42 10.13
N PRO A 530 -20.37 28.28 10.65
CA PRO A 530 -20.81 28.22 12.04
C PRO A 530 -21.27 26.82 12.46
N LEU A 531 -21.98 26.13 11.57
CA LEU A 531 -22.47 24.80 11.86
C LEU A 531 -21.33 23.81 12.15
N PHE A 532 -20.20 24.01 11.48
CA PHE A 532 -19.05 23.16 11.69
C PHE A 532 -18.47 23.41 13.06
N GLU A 533 -18.13 24.67 13.30
CA GLU A 533 -17.57 25.10 14.56
C GLU A 533 -18.41 24.58 15.73
N GLU A 534 -19.71 24.51 15.52
CA GLU A 534 -20.59 24.05 16.57
C GLU A 534 -20.65 22.53 16.77
N MET A 535 -20.71 21.77 15.67
CA MET A 535 -20.80 20.31 15.75
C MET A 535 -19.53 19.50 15.42
N HIS A 536 -18.58 20.09 14.69
CA HIS A 536 -17.38 19.36 14.29
C HIS A 536 -16.06 20.13 14.33
N ALA A 537 -15.84 20.91 15.40
CA ALA A 537 -14.62 21.71 15.51
C ALA A 537 -13.37 20.82 15.67
N ASP A 538 -13.55 19.67 16.32
CA ASP A 538 -12.47 18.73 16.54
C ASP A 538 -11.75 18.34 15.25
N LEU A 539 -12.47 18.39 14.13
CA LEU A 539 -11.88 18.02 12.85
C LEU A 539 -10.82 18.98 12.35
N PHE A 540 -10.64 20.10 13.04
CA PHE A 540 -9.63 21.06 12.60
C PHE A 540 -8.38 20.97 13.46
N ARG A 541 -8.48 20.19 14.53
CA ARG A 541 -7.38 19.96 15.46
C ARG A 541 -6.56 18.69 15.16
N ALA A 542 -5.29 18.88 14.83
CA ALA A 542 -4.38 17.76 14.52
C ALA A 542 -4.29 16.81 15.71
N ASP A 543 -4.54 17.32 16.90
CA ASP A 543 -4.47 16.48 18.08
C ASP A 543 -5.58 15.45 18.01
N TYR A 544 -6.76 15.87 17.59
CA TYR A 544 -7.91 14.97 17.49
C TYR A 544 -7.59 13.79 16.58
N TRP A 545 -7.05 14.09 15.41
CA TRP A 545 -6.71 13.07 14.44
C TRP A 545 -5.63 12.11 14.93
N ARG A 546 -4.59 12.64 15.54
CA ARG A 546 -3.50 11.81 16.04
C ARG A 546 -4.02 10.83 17.09
N ALA A 547 -4.95 11.28 17.93
CA ALA A 547 -5.53 10.42 18.96
C ALA A 547 -6.20 9.22 18.30
N LEU A 548 -6.90 9.49 17.21
CA LEU A 548 -7.62 8.50 16.43
C LEU A 548 -6.66 7.45 15.86
N GLN A 549 -5.56 7.87 15.26
CA GLN A 549 -4.62 6.89 14.73
C GLN A 549 -3.89 6.16 15.85
N ASN A 550 -3.92 6.70 17.06
CA ASN A 550 -3.27 6.00 18.17
C ASN A 550 -4.09 4.79 18.56
N ARG A 551 -5.40 4.98 18.67
CA ARG A 551 -6.29 3.88 19.01
C ARG A 551 -6.26 2.84 17.88
N ILE A 552 -6.11 3.30 16.65
CA ILE A 552 -6.06 2.39 15.51
C ILE A 552 -4.85 1.46 15.71
N ARG A 553 -3.66 2.07 15.81
CA ARG A 553 -2.41 1.33 16.02
C ARG A 553 -2.47 0.47 17.28
N GLU A 554 -3.16 0.98 18.30
CA GLU A 554 -3.32 0.24 19.54
C GLU A 554 -4.26 -0.94 19.29
N GLY A 555 -4.75 -1.04 18.06
CA GLY A 555 -5.64 -2.12 17.68
C GLY A 555 -7.09 -1.93 18.12
N HIS A 556 -7.47 -0.71 18.43
CA HIS A 556 -8.85 -0.45 18.84
C HIS A 556 -9.77 -0.49 17.63
N VAL A 557 -11.03 -0.83 17.86
CA VAL A 557 -12.03 -0.90 16.80
C VAL A 557 -13.31 -0.20 17.26
N GLU A 558 -13.47 1.04 16.84
CA GLU A 558 -14.62 1.85 17.22
C GLU A 558 -15.96 1.25 16.85
N ASP A 559 -16.96 1.56 17.68
CA ASP A 559 -18.33 1.09 17.51
C ASP A 559 -19.08 1.91 16.50
N VAL A 560 -19.99 1.27 15.77
CA VAL A 560 -20.81 1.96 14.80
C VAL A 560 -22.25 1.52 15.02
N TYR A 561 -23.12 2.50 15.18
CA TYR A 561 -24.54 2.25 15.39
C TYR A 561 -25.30 2.57 14.11
N ALA A 562 -26.00 1.59 13.56
CA ALA A 562 -26.75 1.80 12.32
C ALA A 562 -28.06 2.51 12.65
N TYR A 563 -27.97 3.55 13.46
CA TYR A 563 -29.13 4.31 13.88
C TYR A 563 -28.70 5.58 14.61
N ARG A 564 -29.66 6.46 14.88
CA ARG A 564 -29.39 7.70 15.59
C ARG A 564 -28.97 7.36 17.01
N ARG A 565 -27.93 8.02 17.51
CA ARG A 565 -27.43 7.77 18.86
C ARG A 565 -28.45 7.97 19.97
N ARG A 566 -29.38 8.90 19.76
CA ARG A 566 -30.41 9.20 20.74
C ARG A 566 -31.52 8.14 20.77
N GLN A 567 -31.26 6.97 20.19
CA GLN A 567 -32.26 5.90 20.17
C GLN A 567 -31.75 4.75 20.99
N ARG A 568 -30.51 4.86 21.45
CA ARG A 568 -29.91 3.84 22.28
C ARG A 568 -30.65 3.84 23.60
N PHE A 569 -30.95 2.66 24.12
CA PHE A 569 -31.65 2.58 25.39
C PHE A 569 -30.97 3.41 26.47
N SER A 570 -29.67 3.18 26.65
CA SER A 570 -28.89 3.90 27.65
C SER A 570 -28.84 5.41 27.44
N VAL A 571 -29.54 5.90 26.42
CA VAL A 571 -29.57 7.34 26.14
C VAL A 571 -30.93 7.92 26.49
N ARG A 572 -31.99 7.37 25.90
CA ARG A 572 -33.34 7.85 26.17
C ARG A 572 -33.84 7.42 27.53
N TYR A 573 -33.84 6.12 27.77
CA TYR A 573 -34.33 5.59 29.02
C TYR A 573 -33.28 5.55 30.15
N GLY A 574 -32.76 6.73 30.47
CA GLY A 574 -31.77 6.86 31.54
C GLY A 574 -30.35 6.45 31.23
N PRO B 2 28.07 45.52 3.92
CA PRO B 2 29.53 45.74 4.06
C PRO B 2 30.25 44.42 4.35
N ARG B 3 31.44 44.50 4.94
CA ARG B 3 32.20 43.29 5.29
C ARG B 3 31.44 42.54 6.41
N GLY B 4 30.44 43.21 6.96
CA GLY B 4 29.62 42.63 8.01
C GLY B 4 28.56 41.73 7.41
N LEU B 5 27.78 42.25 6.46
CA LEU B 5 26.73 41.47 5.81
C LEU B 5 27.30 40.16 5.25
N GLU B 6 28.59 40.16 4.92
CA GLU B 6 29.23 38.96 4.40
C GLU B 6 29.38 37.99 5.54
N LEU B 7 30.06 38.44 6.58
CA LEU B 7 30.28 37.61 7.76
C LEU B 7 28.96 37.06 8.28
N LEU B 8 27.92 37.90 8.26
CA LEU B 8 26.59 37.48 8.71
C LEU B 8 26.14 36.25 7.90
N ILE B 9 26.15 36.38 6.57
CA ILE B 9 25.77 35.28 5.69
C ILE B 9 26.57 34.03 6.04
N ALA B 10 27.89 34.13 6.00
CA ALA B 10 28.73 32.99 6.32
C ALA B 10 28.41 32.36 7.68
N GLN B 11 27.92 33.17 8.61
CA GLN B 11 27.60 32.67 9.95
C GLN B 11 26.25 31.96 10.00
N THR B 12 25.25 32.55 9.35
CA THR B 12 23.93 31.96 9.31
C THR B 12 24.01 30.61 8.61
N ILE B 13 24.87 30.51 7.60
CA ILE B 13 25.04 29.25 6.90
C ILE B 13 25.57 28.22 7.87
N LEU B 14 26.72 28.51 8.47
CA LEU B 14 27.35 27.60 9.42
C LEU B 14 26.43 27.29 10.60
N GLN B 15 25.54 28.24 10.91
CA GLN B 15 24.60 28.07 12.00
C GLN B 15 23.59 27.01 11.61
N GLY B 16 23.24 27.00 10.33
CA GLY B 16 22.28 26.04 9.80
C GLY B 16 22.87 24.64 9.76
N PHE B 17 24.16 24.56 9.48
CA PHE B 17 24.82 23.27 9.44
C PHE B 17 24.89 22.69 10.85
N ASP B 18 25.05 23.57 11.83
CA ASP B 18 25.12 23.14 13.21
C ASP B 18 23.77 22.58 13.58
N ALA B 19 22.73 23.36 13.27
CA ALA B 19 21.37 22.98 13.56
C ALA B 19 20.98 21.67 12.88
N GLN B 20 21.33 21.55 11.60
CA GLN B 20 20.99 20.35 10.85
C GLN B 20 21.65 19.06 11.34
N TYR B 21 22.95 19.08 11.60
CA TYR B 21 23.61 17.87 12.05
C TYR B 21 23.20 17.54 13.46
N GLY B 22 22.62 18.52 14.14
CA GLY B 22 22.17 18.31 15.51
C GLY B 22 20.90 17.48 15.49
N ARG B 23 19.97 17.88 14.63
CA ARG B 23 18.72 17.18 14.48
C ARG B 23 19.07 15.79 13.98
N PHE B 24 20.01 15.71 13.03
CA PHE B 24 20.46 14.43 12.48
C PHE B 24 20.73 13.45 13.63
N LEU B 25 21.63 13.82 14.55
CA LEU B 25 21.97 12.97 15.69
C LEU B 25 20.75 12.69 16.57
N GLU B 26 19.79 13.61 16.59
CA GLU B 26 18.59 13.42 17.40
C GLU B 26 17.82 12.22 16.85
N VAL B 27 17.44 12.32 15.57
CA VAL B 27 16.71 11.24 14.91
C VAL B 27 17.50 9.95 15.12
N THR B 28 18.79 10.00 14.76
CA THR B 28 19.65 8.83 14.89
C THR B 28 19.69 8.23 16.28
N SER B 29 19.77 9.07 17.31
CA SER B 29 19.83 8.57 18.69
C SER B 29 18.69 7.64 19.06
N GLY B 30 17.48 7.96 18.58
CA GLY B 30 16.31 7.15 18.90
C GLY B 30 16.24 5.81 18.20
N ALA B 31 17.35 5.40 17.59
CA ALA B 31 17.43 4.14 16.87
C ALA B 31 17.27 2.98 17.83
N GLN B 32 17.92 3.07 18.99
CA GLN B 32 17.84 2.02 19.99
C GLN B 32 16.41 1.81 20.48
N GLN B 33 15.83 2.84 21.09
CA GLN B 33 14.49 2.77 21.64
C GLN B 33 13.49 2.19 20.63
N ARG B 34 13.63 2.58 19.38
CA ARG B 34 12.75 2.10 18.31
C ARG B 34 12.85 0.56 18.21
N PHE B 35 14.09 0.08 18.15
CA PHE B 35 14.38 -1.35 18.07
C PHE B 35 13.87 -2.08 19.32
N GLU B 36 14.14 -1.50 20.49
CA GLU B 36 13.74 -2.08 21.76
C GLU B 36 12.23 -2.35 21.83
N GLN B 37 11.43 -1.39 21.38
CA GLN B 37 9.98 -1.60 21.39
C GLN B 37 9.45 -2.14 20.07
N ALA B 38 10.37 -2.69 19.27
CA ALA B 38 10.05 -3.26 17.97
C ALA B 38 9.01 -2.46 17.18
N ASP B 39 9.07 -1.14 17.30
CA ASP B 39 8.15 -0.28 16.57
C ASP B 39 8.78 -0.21 15.18
N TRP B 40 8.44 -1.18 14.34
CA TRP B 40 9.00 -1.27 13.01
C TRP B 40 8.49 -0.24 12.00
N HIS B 41 7.40 0.44 12.33
CA HIS B 41 6.89 1.44 11.41
C HIS B 41 7.58 2.75 11.68
N ALA B 42 8.11 2.90 12.90
CA ALA B 42 8.84 4.10 13.28
C ALA B 42 10.22 4.01 12.66
N VAL B 43 10.72 2.79 12.55
CA VAL B 43 12.03 2.55 11.96
C VAL B 43 11.95 2.95 10.49
N GLN B 44 10.86 2.56 9.86
CA GLN B 44 10.62 2.89 8.45
C GLN B 44 10.52 4.39 8.27
N GLN B 45 9.74 5.03 9.14
CA GLN B 45 9.54 6.47 9.08
C GLN B 45 10.79 7.28 9.34
N ALA B 46 11.62 6.86 10.29
CA ALA B 46 12.86 7.57 10.59
C ALA B 46 13.77 7.54 9.37
N MET B 47 13.96 6.35 8.80
CA MET B 47 14.79 6.18 7.61
C MET B 47 14.37 7.21 6.55
N LYS B 48 13.11 7.64 6.61
CA LYS B 48 12.57 8.62 5.67
C LYS B 48 12.80 10.05 6.11
N ASN B 49 12.59 10.32 7.40
CA ASN B 49 12.79 11.67 7.92
C ASN B 49 14.24 12.07 7.70
N ARG B 50 15.11 11.43 8.47
CA ARG B 50 16.55 11.63 8.44
C ARG B 50 17.08 11.93 7.03
N ILE B 51 16.59 11.18 6.04
CA ILE B 51 17.01 11.37 4.67
C ILE B 51 16.75 12.79 4.19
N HIS B 52 15.55 13.30 4.50
CA HIS B 52 15.15 14.63 4.09
C HIS B 52 15.50 15.76 5.06
N LEU B 53 16.14 15.42 6.17
CA LEU B 53 16.50 16.42 7.17
C LEU B 53 17.40 17.49 6.56
N TYR B 54 18.49 17.04 5.96
CA TYR B 54 19.46 17.93 5.32
C TYR B 54 18.85 18.97 4.38
N ASP B 55 17.87 18.58 3.58
CA ASP B 55 17.25 19.50 2.65
C ASP B 55 16.31 20.51 3.30
N HIS B 56 15.69 20.13 4.42
CA HIS B 56 14.77 21.04 5.10
C HIS B 56 15.59 22.22 5.62
N HIS B 57 16.81 21.92 6.04
CA HIS B 57 17.70 22.92 6.60
C HIS B 57 18.38 23.81 5.57
N VAL B 58 18.70 23.26 4.39
CA VAL B 58 19.31 24.08 3.35
C VAL B 58 18.22 25.02 2.89
N GLY B 59 16.97 24.58 3.04
CA GLY B 59 15.86 25.39 2.63
C GLY B 59 15.66 26.63 3.46
N LEU B 60 15.74 26.45 4.77
CA LEU B 60 15.61 27.55 5.72
C LEU B 60 16.72 28.56 5.50
N VAL B 61 17.96 28.09 5.52
CA VAL B 61 19.13 28.94 5.34
C VAL B 61 19.01 29.81 4.08
N VAL B 62 18.40 29.26 3.03
CA VAL B 62 18.27 30.02 1.81
C VAL B 62 17.20 31.11 1.90
N GLU B 63 16.06 30.77 2.50
CA GLU B 63 15.01 31.78 2.63
C GLU B 63 15.56 32.90 3.49
N GLN B 64 16.41 32.54 4.46
CA GLN B 64 17.02 33.51 5.36
C GLN B 64 17.94 34.42 4.55
N LEU B 65 18.88 33.83 3.83
CA LEU B 65 19.81 34.60 3.00
C LEU B 65 19.10 35.44 1.94
N ARG B 66 17.93 34.99 1.49
CA ARG B 66 17.17 35.74 0.50
C ARG B 66 16.66 37.02 1.16
N CYS B 67 16.18 36.88 2.39
CA CYS B 67 15.65 38.00 3.16
C CYS B 67 16.75 38.93 3.64
N ILE B 68 17.87 38.34 4.04
CA ILE B 68 19.00 39.09 4.50
C ILE B 68 19.74 39.76 3.33
N THR B 69 19.53 39.24 2.13
CA THR B 69 20.24 39.79 0.98
C THR B 69 19.50 39.73 -0.35
N ASN B 70 19.76 38.64 -1.07
CA ASN B 70 19.24 38.33 -2.42
C ASN B 70 19.48 39.41 -3.47
N GLY B 71 19.94 40.58 -3.03
CA GLY B 71 20.22 41.65 -3.97
C GLY B 71 21.52 41.34 -4.68
N GLN B 72 22.63 41.67 -4.04
CA GLN B 72 23.96 41.41 -4.59
C GLN B 72 24.27 39.93 -4.35
N SER B 73 23.22 39.14 -4.14
CA SER B 73 23.35 37.70 -3.90
C SER B 73 23.71 37.05 -5.24
N THR B 74 24.35 37.86 -6.10
CA THR B 74 24.77 37.44 -7.42
C THR B 74 26.19 38.00 -7.57
N ASP B 75 26.48 39.07 -6.83
CA ASP B 75 27.77 39.75 -6.87
C ASP B 75 28.93 38.76 -6.80
N ALA B 76 29.84 38.87 -7.77
CA ALA B 76 31.00 37.98 -7.88
C ALA B 76 32.00 38.03 -6.72
N GLU B 77 32.11 39.18 -6.06
CA GLU B 77 33.05 39.32 -4.96
C GLU B 77 32.37 39.11 -3.61
N PHE B 78 31.06 39.37 -3.55
CA PHE B 78 30.31 39.20 -2.33
C PHE B 78 30.36 37.73 -1.93
N LEU B 79 29.71 36.87 -2.70
CA LEU B 79 29.70 35.45 -2.38
C LEU B 79 31.06 34.81 -2.59
N LEU B 80 32.05 35.65 -2.88
CA LEU B 80 33.42 35.20 -3.07
C LEU B 80 34.10 35.41 -1.72
N ARG B 81 33.82 36.56 -1.13
CA ARG B 81 34.36 36.92 0.18
C ARG B 81 33.59 36.18 1.26
N VAL B 82 32.30 35.91 0.98
CA VAL B 82 31.48 35.17 1.92
C VAL B 82 32.14 33.81 2.09
N LYS B 83 32.62 33.24 0.99
CA LYS B 83 33.27 31.94 1.06
C LYS B 83 34.52 31.96 1.91
N GLU B 84 35.30 33.06 1.80
CA GLU B 84 36.53 33.20 2.56
C GLU B 84 36.25 33.29 4.06
N HIS B 85 35.29 34.13 4.43
CA HIS B 85 34.94 34.25 5.84
C HIS B 85 34.57 32.86 6.35
N TYR B 86 33.78 32.15 5.54
CA TYR B 86 33.34 30.82 5.91
C TYR B 86 34.53 29.92 6.16
N THR B 87 35.48 29.93 5.23
CA THR B 87 36.68 29.11 5.38
C THR B 87 37.34 29.41 6.73
N ARG B 88 37.24 30.67 7.15
CA ARG B 88 37.81 31.14 8.42
C ARG B 88 37.29 30.36 9.61
N LEU B 89 35.97 30.18 9.66
CA LEU B 89 35.32 29.47 10.77
C LEU B 89 35.58 27.97 10.79
N LEU B 90 35.99 27.43 9.65
CA LEU B 90 36.23 25.99 9.53
C LEU B 90 37.39 25.37 10.29
N PRO B 91 38.58 25.99 10.25
CA PRO B 91 39.77 25.47 10.94
C PRO B 91 39.55 24.81 12.31
N ASP B 92 38.41 25.08 12.95
CA ASP B 92 38.16 24.49 14.25
C ASP B 92 36.98 23.52 14.34
N TYR B 93 36.12 23.49 13.32
CA TYR B 93 34.98 22.57 13.32
C TYR B 93 35.42 21.15 13.07
N PRO B 94 35.00 20.21 13.92
CA PRO B 94 35.41 18.82 13.70
C PRO B 94 34.70 18.22 12.48
N ARG B 95 33.55 18.79 12.13
CA ARG B 95 32.79 18.31 10.99
C ARG B 95 33.02 19.18 9.76
N PHE B 96 34.14 19.91 9.74
CA PHE B 96 34.42 20.83 8.65
C PHE B 96 34.11 20.35 7.24
N GLU B 97 34.50 19.12 6.90
CA GLU B 97 34.23 18.61 5.57
C GLU B 97 32.73 18.68 5.23
N ILE B 98 31.88 18.21 6.15
CA ILE B 98 30.44 18.24 5.95
C ILE B 98 29.93 19.67 5.97
N ALA B 99 30.66 20.53 6.68
CA ALA B 99 30.30 21.94 6.75
C ALA B 99 30.46 22.55 5.35
N GLU B 100 31.47 22.11 4.62
CA GLU B 100 31.69 22.62 3.28
C GLU B 100 30.60 22.14 2.33
N SER B 101 30.15 20.90 2.53
CA SER B 101 29.09 20.32 1.71
C SER B 101 27.76 21.07 1.90
N PHE B 102 27.45 21.41 3.14
CA PHE B 102 26.22 22.15 3.43
C PHE B 102 26.27 23.50 2.71
N PHE B 103 27.47 24.10 2.70
CA PHE B 103 27.70 25.40 2.06
C PHE B 103 27.45 25.30 0.56
N ASN B 104 28.01 24.26 -0.06
CA ASN B 104 27.82 24.04 -1.49
C ASN B 104 26.33 23.88 -1.81
N SER B 105 25.63 23.09 -1.01
CA SER B 105 24.21 22.87 -1.20
C SER B 105 23.44 24.19 -1.09
N VAL B 106 23.92 25.11 -0.26
CA VAL B 106 23.24 26.40 -0.11
C VAL B 106 23.56 27.24 -1.35
N TYR B 107 24.81 27.19 -1.78
CA TYR B 107 25.21 27.94 -2.98
C TYR B 107 24.29 27.56 -4.12
N CYS B 108 24.33 26.27 -4.46
CA CYS B 108 23.54 25.67 -5.53
C CYS B 108 22.06 25.99 -5.48
N ARG B 109 21.48 25.99 -4.28
CA ARG B 109 20.06 26.30 -4.14
C ARG B 109 19.79 27.74 -4.57
N LEU B 110 20.73 28.64 -4.27
CA LEU B 110 20.59 30.06 -4.59
C LEU B 110 20.85 30.42 -6.04
N PHE B 111 21.95 29.93 -6.58
CA PHE B 111 22.31 30.21 -7.97
C PHE B 111 21.67 29.21 -8.93
N ASP B 112 20.76 28.41 -8.41
CA ASP B 112 20.03 27.42 -9.19
C ASP B 112 20.95 26.43 -9.92
N HIS B 113 21.99 25.99 -9.23
CA HIS B 113 22.94 25.01 -9.78
C HIS B 113 23.73 25.45 -11.01
N ARG B 114 23.96 26.76 -11.13
CA ARG B 114 24.71 27.29 -12.25
C ARG B 114 25.99 27.96 -11.74
N SER B 115 26.96 28.08 -12.63
CA SER B 115 28.25 28.72 -12.32
C SER B 115 28.98 28.12 -11.12
N LEU B 116 29.25 26.82 -11.17
CA LEU B 116 29.98 26.19 -10.08
C LEU B 116 31.46 26.21 -10.43
N THR B 117 32.29 26.66 -9.51
CA THR B 117 33.73 26.69 -9.76
C THR B 117 34.46 26.47 -8.45
N PRO B 118 35.75 26.12 -8.52
CA PRO B 118 36.46 25.91 -7.26
C PRO B 118 36.49 27.23 -6.46
N GLU B 119 36.50 28.34 -7.18
CA GLU B 119 36.53 29.66 -6.58
C GLU B 119 35.15 30.23 -6.22
N ARG B 120 34.19 29.36 -5.94
CA ARG B 120 32.85 29.83 -5.56
C ARG B 120 32.19 28.85 -4.61
N LEU B 121 32.69 27.61 -4.62
CA LEU B 121 32.18 26.55 -3.74
C LEU B 121 33.32 25.65 -3.32
N PHE B 122 33.04 24.76 -2.37
CA PHE B 122 34.04 23.84 -1.86
C PHE B 122 34.05 22.54 -2.62
N ILE B 123 34.13 22.59 -3.95
CA ILE B 123 34.12 21.37 -4.72
C ILE B 123 35.29 20.46 -4.34
N PHE B 124 36.45 21.04 -4.05
CA PHE B 124 37.62 20.25 -3.69
C PHE B 124 37.90 20.22 -2.19
N SER B 125 37.53 21.30 -1.51
CA SER B 125 37.74 21.42 -0.07
C SER B 125 39.04 22.09 0.30
N SER B 126 38.91 23.14 1.11
CA SER B 126 40.06 23.87 1.62
C SER B 126 40.39 23.04 2.86
N GLN B 127 41.37 23.48 3.65
CA GLN B 127 41.74 22.72 4.84
C GLN B 127 42.37 21.40 4.41
N PRO B 128 43.52 21.06 5.01
CA PRO B 128 44.22 19.82 4.69
C PRO B 128 43.57 18.59 5.29
N GLU B 129 44.28 17.46 5.20
CA GLU B 129 43.78 16.21 5.75
C GLU B 129 43.80 16.31 7.26
N ARG B 130 43.14 15.35 7.91
CA ARG B 130 43.06 15.34 9.38
C ARG B 130 43.02 13.92 9.91
N ARG B 131 42.79 12.97 9.01
CA ARG B 131 42.70 11.54 9.36
C ARG B 131 43.58 11.13 10.55
N PHE B 132 42.97 10.41 11.48
CA PHE B 132 43.63 9.92 12.70
C PHE B 132 44.60 10.88 13.39
N ARG B 133 44.76 10.68 14.70
CA ARG B 133 45.64 11.50 15.52
C ARG B 133 45.30 11.19 16.97
N THR B 134 44.13 11.66 17.38
CA THR B 134 43.64 11.46 18.73
C THR B 134 42.17 11.80 18.73
N ILE B 135 41.34 10.80 18.42
CA ILE B 135 39.90 11.03 18.40
C ILE B 135 39.59 11.69 19.75
N PRO B 136 39.11 12.95 19.72
CA PRO B 136 38.78 13.67 20.95
C PRO B 136 38.07 12.80 21.99
N ARG B 137 37.35 11.79 21.50
CA ARG B 137 36.65 10.83 22.35
C ARG B 137 36.92 9.46 21.74
N PRO B 138 37.25 8.46 22.56
CA PRO B 138 37.50 7.14 22.01
C PRO B 138 36.28 6.69 21.20
N LEU B 139 36.53 6.03 20.08
CA LEU B 139 35.47 5.59 19.18
C LEU B 139 35.04 4.13 19.35
N ALA B 140 35.92 3.33 19.95
CA ALA B 140 35.66 1.91 20.18
C ALA B 140 36.50 1.41 21.35
N LYS B 141 36.20 0.19 21.83
CA LYS B 141 36.93 -0.40 22.94
C LYS B 141 37.69 -1.64 22.48
N ASP B 142 38.71 -2.00 23.25
CA ASP B 142 39.51 -3.19 22.95
C ASP B 142 39.17 -4.26 23.98
N PHE B 143 39.28 -5.51 23.56
CA PHE B 143 39.01 -6.62 24.45
C PHE B 143 40.07 -7.69 24.26
N HIS B 144 40.56 -8.23 25.37
CA HIS B 144 41.58 -9.26 25.33
C HIS B 144 41.07 -10.44 26.14
N PRO B 145 41.29 -11.67 25.63
CA PRO B 145 40.84 -12.91 26.29
C PRO B 145 41.54 -13.29 27.61
N ASP B 146 41.73 -12.32 28.50
CA ASP B 146 42.37 -12.55 29.80
C ASP B 146 41.45 -13.38 30.70
N HIS B 147 40.65 -14.22 30.06
CA HIS B 147 39.65 -15.13 30.64
C HIS B 147 38.71 -15.27 29.45
N GLY B 148 38.77 -14.22 28.62
CA GLY B 148 37.96 -14.08 27.42
C GLY B 148 37.52 -15.26 26.57
N TRP B 149 36.64 -14.92 25.63
CA TRP B 149 36.03 -15.87 24.70
C TRP B 149 34.79 -16.43 25.38
N GLU B 150 34.90 -16.68 26.68
CA GLU B 150 33.76 -17.17 27.45
C GLU B 150 33.42 -15.99 28.36
N SER B 151 34.45 -15.24 28.69
CA SER B 151 34.31 -14.07 29.55
C SER B 151 34.16 -12.85 28.65
N LEU B 152 35.10 -12.69 27.74
CA LEU B 152 35.12 -11.58 26.80
C LEU B 152 33.74 -11.35 26.20
N LEU B 153 33.19 -12.40 25.59
CA LEU B 153 31.90 -12.30 24.95
C LEU B 153 30.76 -12.11 25.94
N MET B 154 30.78 -12.83 27.06
CA MET B 154 29.71 -12.67 28.04
C MET B 154 29.83 -11.26 28.62
N ARG B 155 30.95 -10.62 28.35
CA ARG B 155 31.20 -9.26 28.84
C ARG B 155 30.76 -8.21 27.85
N VAL B 156 31.26 -8.28 26.62
CA VAL B 156 30.89 -7.32 25.58
C VAL B 156 29.38 -7.23 25.49
N ILE B 157 28.73 -8.40 25.54
CA ILE B 157 27.27 -8.48 25.44
C ILE B 157 26.61 -7.80 26.62
N SER B 158 27.26 -7.87 27.78
CA SER B 158 26.72 -7.27 28.98
C SER B 158 27.04 -5.77 29.02
N ASP B 159 27.55 -5.25 27.91
CA ASP B 159 27.86 -3.83 27.79
C ASP B 159 26.91 -3.17 26.80
N LEU B 160 26.17 -3.99 26.06
CA LEU B 160 25.19 -3.50 25.11
C LEU B 160 24.13 -2.72 25.89
N PRO B 161 23.93 -1.44 25.56
CA PRO B 161 22.95 -0.58 26.24
C PRO B 161 21.51 -1.08 26.12
N LEU B 162 21.29 -2.09 25.29
CA LEU B 162 19.96 -2.65 25.06
C LEU B 162 19.23 -3.01 26.34
N ARG B 163 17.99 -2.55 26.44
CA ARG B 163 17.15 -2.77 27.60
C ARG B 163 16.09 -3.85 27.38
N LEU B 164 16.53 -5.00 26.89
CA LEU B 164 15.67 -6.13 26.64
C LEU B 164 16.40 -7.34 27.20
N HIS B 165 15.64 -8.32 27.71
CA HIS B 165 16.26 -9.51 28.26
C HIS B 165 16.65 -10.45 27.14
N TRP B 166 17.75 -11.18 27.33
CA TRP B 166 18.24 -12.12 26.34
C TRP B 166 17.60 -13.49 26.40
N GLN B 167 17.65 -14.20 25.27
CA GLN B 167 17.10 -15.54 25.16
C GLN B 167 18.10 -16.52 25.79
N ASN B 168 19.31 -16.52 25.27
CA ASN B 168 20.34 -17.41 25.79
C ASN B 168 21.72 -16.91 25.37
N LYS B 169 22.35 -16.14 26.24
CA LYS B 169 23.67 -15.58 25.99
C LYS B 169 24.71 -16.65 25.73
N SER B 170 24.79 -17.65 26.60
CA SER B 170 25.79 -18.69 26.45
C SER B 170 25.54 -19.55 25.23
N ARG B 171 24.27 -19.66 24.83
CA ARG B 171 23.92 -20.43 23.66
C ARG B 171 24.43 -19.68 22.44
N ASP B 172 24.34 -18.35 22.49
CA ASP B 172 24.80 -17.49 21.40
C ASP B 172 26.30 -17.23 21.51
N ILE B 173 26.84 -17.38 22.71
CA ILE B 173 28.26 -17.19 22.92
C ILE B 173 29.00 -18.40 22.35
N HIS B 174 28.58 -19.59 22.75
CA HIS B 174 29.19 -20.81 22.26
C HIS B 174 29.12 -20.79 20.75
N TYR B 175 27.97 -20.39 20.22
CA TYR B 175 27.80 -20.30 18.77
C TYR B 175 28.93 -19.49 18.16
N ILE B 176 29.19 -18.32 18.74
CA ILE B 176 30.24 -17.45 18.24
C ILE B 176 31.61 -18.11 18.40
N ILE B 177 31.80 -18.83 19.49
CA ILE B 177 33.07 -19.51 19.74
C ILE B 177 33.38 -20.48 18.62
N ARG B 178 32.43 -21.36 18.33
CA ARG B 178 32.63 -22.33 17.25
C ARG B 178 33.07 -21.64 15.96
N HIS B 179 32.41 -20.55 15.60
CA HIS B 179 32.76 -19.83 14.38
C HIS B 179 34.18 -19.29 14.46
N LEU B 180 34.50 -18.65 15.57
CA LEU B 180 35.83 -18.08 15.79
C LEU B 180 36.90 -19.17 15.85
N THR B 181 36.48 -20.35 16.31
CA THR B 181 37.37 -21.50 16.43
C THR B 181 37.60 -22.15 15.06
N GLU B 182 36.54 -22.74 14.52
CA GLU B 182 36.58 -23.42 13.24
C GLU B 182 37.14 -22.53 12.12
N THR B 183 37.45 -21.28 12.43
CA THR B 183 37.96 -20.34 11.44
C THR B 183 39.44 -19.98 11.66
N LEU B 184 39.88 -19.98 12.91
CA LEU B 184 41.28 -19.65 13.23
C LEU B 184 41.99 -20.76 13.98
N GLY B 185 41.22 -21.65 14.61
CA GLY B 185 41.81 -22.74 15.37
C GLY B 185 42.27 -22.22 16.71
N PRO B 186 42.05 -22.98 17.81
CA PRO B 186 42.46 -22.55 19.15
C PRO B 186 43.87 -21.96 19.10
N GLU B 187 44.60 -22.37 18.08
CA GLU B 187 45.95 -21.91 17.83
C GLU B 187 46.03 -20.39 17.92
N ASN B 188 45.48 -19.70 16.92
CA ASN B 188 45.51 -18.25 16.87
C ASN B 188 44.45 -17.54 17.71
N LEU B 189 43.30 -18.18 17.89
CA LEU B 189 42.22 -17.60 18.68
C LEU B 189 42.75 -17.05 20.00
N SER B 190 43.75 -17.72 20.55
CA SER B 190 44.36 -17.31 21.81
C SER B 190 45.12 -15.99 21.73
N LYS B 191 45.89 -15.81 20.66
CA LYS B 191 46.64 -14.58 20.48
C LYS B 191 45.95 -13.78 19.37
N SER B 192 44.94 -12.99 19.78
CA SER B 192 44.17 -12.19 18.84
C SER B 192 43.06 -11.51 19.62
N HIS B 193 43.14 -10.20 19.76
CA HIS B 193 42.11 -9.48 20.50
C HIS B 193 40.97 -8.99 19.61
N LEU B 194 40.03 -8.26 20.21
CA LEU B 194 38.86 -7.78 19.47
C LEU B 194 38.39 -6.37 19.88
N GLN B 195 38.60 -5.40 18.99
CA GLN B 195 38.21 -4.00 19.21
C GLN B 195 36.84 -3.71 18.59
N VAL B 196 35.83 -3.46 19.43
CA VAL B 196 34.48 -3.19 18.94
C VAL B 196 33.94 -1.75 19.14
N ALA B 197 33.45 -1.15 18.06
CA ALA B 197 32.91 0.20 18.08
C ALA B 197 31.82 0.39 19.14
N ASN B 198 31.87 1.52 19.85
CA ASN B 198 30.92 1.83 20.93
C ASN B 198 29.45 1.94 20.53
N GLU B 199 29.20 2.29 19.28
CA GLU B 199 27.82 2.44 18.83
C GLU B 199 27.27 1.27 18.02
N LEU B 200 26.04 0.89 18.30
CA LEU B 200 25.37 -0.18 17.59
C LEU B 200 24.89 0.40 16.24
N PHE B 201 24.99 -0.39 15.17
CA PHE B 201 24.52 0.07 13.87
C PHE B 201 23.13 -0.51 13.68
N TYR B 202 22.10 0.33 13.82
CA TYR B 202 20.73 -0.15 13.67
C TYR B 202 20.21 -0.06 12.23
N ARG B 203 19.40 -1.04 11.85
CA ARG B 203 18.80 -1.09 10.52
C ARG B 203 17.62 -2.05 10.48
N ASN B 204 16.48 -1.53 10.05
CA ASN B 204 15.27 -2.34 9.97
C ASN B 204 15.07 -3.10 11.29
N LYS B 205 14.85 -4.40 11.21
CA LYS B 205 14.63 -5.21 12.41
C LYS B 205 15.90 -5.67 13.12
N ALA B 206 17.06 -5.18 12.68
CA ALA B 206 18.31 -5.59 13.32
C ALA B 206 19.02 -4.48 14.10
N ALA B 207 20.01 -4.90 14.84
CA ALA B 207 20.84 -4.02 15.64
C ALA B 207 22.21 -4.66 15.49
N TRP B 208 23.05 -4.07 14.66
CA TRP B 208 24.37 -4.63 14.41
C TRP B 208 25.46 -4.19 15.35
N LEU B 209 26.40 -5.09 15.61
CA LEU B 209 27.55 -4.80 16.44
C LEU B 209 28.71 -4.96 15.49
N VAL B 210 29.33 -3.84 15.14
CA VAL B 210 30.45 -3.84 14.21
C VAL B 210 31.77 -3.80 14.95
N GLY B 211 32.65 -4.73 14.64
CA GLY B 211 33.94 -4.76 15.30
C GLY B 211 35.04 -5.28 14.42
N LYS B 212 36.28 -5.11 14.87
CA LYS B 212 37.44 -5.59 14.14
C LYS B 212 38.01 -6.81 14.89
N LEU B 213 38.53 -7.77 14.13
CA LEU B 213 39.10 -8.97 14.71
C LEU B 213 40.60 -9.01 14.41
N ILE B 214 41.39 -8.41 15.30
CA ILE B 214 42.85 -8.40 15.12
C ILE B 214 43.44 -9.76 15.47
N THR B 215 44.03 -10.39 14.47
CA THR B 215 44.63 -11.70 14.60
C THR B 215 46.09 -11.61 14.20
N PRO B 216 46.87 -12.68 14.40
CA PRO B 216 48.28 -12.62 14.01
C PRO B 216 48.44 -12.46 12.50
N SER B 217 47.57 -13.12 11.75
CA SER B 217 47.58 -13.12 10.29
C SER B 217 46.88 -11.91 9.64
N GLY B 218 46.95 -10.75 10.29
CA GLY B 218 46.30 -9.57 9.74
C GLY B 218 45.05 -9.19 10.53
N THR B 219 44.16 -8.41 9.91
CA THR B 219 42.93 -7.98 10.56
C THR B 219 41.69 -8.21 9.71
N LEU B 220 40.62 -8.69 10.34
CA LEU B 220 39.36 -8.97 9.65
C LEU B 220 38.14 -8.31 10.32
N PRO B 221 36.95 -8.52 9.74
CA PRO B 221 35.74 -7.92 10.33
C PRO B 221 35.15 -8.82 11.40
N PHE B 222 34.19 -8.28 12.14
CA PHE B 222 33.51 -9.00 13.21
C PHE B 222 32.13 -8.35 13.35
N LEU B 223 31.14 -8.91 12.67
CA LEU B 223 29.80 -8.35 12.69
C LEU B 223 28.80 -9.31 13.33
N LEU B 224 28.18 -8.86 14.42
CA LEU B 224 27.21 -9.69 15.13
C LEU B 224 25.82 -9.10 15.08
N PRO B 225 25.01 -9.52 14.08
CA PRO B 225 23.65 -8.99 14.00
C PRO B 225 22.78 -9.44 15.17
N ILE B 226 22.26 -8.48 15.92
CA ILE B 226 21.42 -8.76 17.08
C ILE B 226 19.95 -8.64 16.70
N HIS B 227 19.26 -9.78 16.65
CA HIS B 227 17.84 -9.81 16.31
C HIS B 227 16.94 -9.93 17.55
N GLN B 228 15.65 -9.67 17.36
CA GLN B 228 14.69 -9.72 18.45
C GLN B 228 13.60 -10.77 18.15
N THR B 229 13.25 -11.58 19.15
CA THR B 229 12.23 -12.62 19.01
C THR B 229 10.82 -12.03 19.00
N ASP B 230 9.91 -12.71 18.33
CA ASP B 230 8.51 -12.26 18.23
C ASP B 230 7.95 -11.93 19.61
N ASP B 231 8.59 -12.46 20.65
CA ASP B 231 8.15 -12.19 22.02
C ASP B 231 8.80 -10.91 22.53
N GLY B 232 10.11 -10.78 22.31
CA GLY B 232 10.81 -9.59 22.75
C GLY B 232 12.16 -9.86 23.39
N GLU B 233 12.69 -11.07 23.19
CA GLU B 233 13.99 -11.40 23.75
C GLU B 233 15.05 -11.34 22.67
N LEU B 234 16.25 -10.93 23.07
CA LEU B 234 17.35 -10.79 22.14
C LEU B 234 18.13 -12.07 21.88
N PHE B 235 18.88 -12.05 20.78
CA PHE B 235 19.71 -13.18 20.40
C PHE B 235 20.54 -12.77 19.21
N ILE B 236 21.74 -13.31 19.13
CA ILE B 236 22.62 -13.01 18.03
C ILE B 236 22.35 -14.06 16.96
N ASP B 237 22.16 -13.62 15.71
CA ASP B 237 21.97 -14.58 14.63
C ASP B 237 23.41 -14.94 14.31
N THR B 238 23.75 -15.08 13.04
CA THR B 238 25.12 -15.43 12.67
C THR B 238 26.22 -14.51 13.26
N CYS B 239 27.42 -14.68 12.73
CA CYS B 239 28.60 -13.91 13.10
C CYS B 239 29.47 -13.89 11.86
N LEU B 240 29.71 -12.70 11.31
CA LEU B 240 30.50 -12.56 10.10
C LEU B 240 31.91 -12.11 10.41
N THR B 241 32.87 -12.65 9.65
CA THR B 241 34.28 -12.36 9.84
C THR B 241 35.01 -12.15 8.51
N THR B 242 34.27 -12.18 7.41
CA THR B 242 34.86 -12.02 6.08
C THR B 242 34.67 -10.66 5.42
N THR B 243 35.73 -10.14 4.84
CA THR B 243 35.68 -8.87 4.13
C THR B 243 34.53 -8.96 3.14
N ALA B 244 34.48 -10.09 2.42
CA ALA B 244 33.45 -10.33 1.44
C ALA B 244 32.04 -10.14 2.01
N GLU B 245 31.79 -10.74 3.18
CA GLU B 245 30.48 -10.66 3.83
C GLU B 245 30.19 -9.27 4.40
N ALA B 246 31.24 -8.62 4.93
CA ALA B 246 31.09 -7.29 5.52
C ALA B 246 30.70 -6.31 4.42
N SER B 247 31.42 -6.39 3.31
CA SER B 247 31.14 -5.54 2.17
C SER B 247 29.66 -5.65 1.84
N ILE B 248 29.14 -6.87 1.89
CA ILE B 248 27.74 -7.10 1.60
C ILE B 248 26.79 -6.46 2.61
N VAL B 249 27.09 -6.59 3.90
CA VAL B 249 26.26 -5.99 4.93
C VAL B 249 26.21 -4.47 4.75
N PHE B 250 27.31 -3.90 4.28
CA PHE B 250 27.37 -2.46 4.03
C PHE B 250 27.20 -2.27 2.53
N GLY B 251 26.16 -2.90 1.98
CA GLY B 251 25.90 -2.81 0.55
C GLY B 251 25.15 -1.60 0.02
N PHE B 252 25.60 -1.08 -1.12
CA PHE B 252 24.99 0.09 -1.73
C PHE B 252 23.56 -0.17 -2.18
N ALA B 253 23.09 -1.39 -2.01
CA ALA B 253 21.74 -1.74 -2.39
C ALA B 253 20.85 -1.89 -1.15
N ARG B 254 21.42 -1.60 0.01
CA ARG B 254 20.66 -1.69 1.24
C ARG B 254 20.43 -0.30 1.80
N SER B 255 19.57 -0.21 2.81
CA SER B 255 19.27 1.06 3.44
C SER B 255 20.50 1.47 4.25
N TYR B 256 20.66 2.77 4.48
CA TYR B 256 21.81 3.25 5.24
C TYR B 256 21.68 2.82 6.71
N PHE B 257 22.82 2.69 7.39
CA PHE B 257 22.83 2.31 8.80
C PHE B 257 22.52 3.51 9.69
N MET B 258 21.74 3.28 10.73
CA MET B 258 21.44 4.35 11.66
C MET B 258 22.38 4.11 12.84
N VAL B 259 23.54 4.76 12.78
CA VAL B 259 24.56 4.67 13.84
C VAL B 259 24.90 6.08 14.30
N TYR B 260 24.89 6.30 15.61
CA TYR B 260 25.19 7.60 16.19
C TYR B 260 26.65 7.95 15.98
N ALA B 261 26.92 9.02 15.22
CA ALA B 261 28.30 9.42 14.94
C ALA B 261 28.55 10.91 15.13
N PRO B 262 28.85 11.33 16.37
CA PRO B 262 29.12 12.73 16.68
C PRO B 262 30.25 13.30 15.82
N LEU B 263 31.14 12.40 15.38
CA LEU B 263 32.28 12.76 14.53
C LEU B 263 32.36 11.79 13.35
N PRO B 264 31.56 12.03 12.31
CA PRO B 264 31.49 11.22 11.09
C PRO B 264 32.84 10.74 10.55
N ALA B 265 33.63 11.68 10.04
CA ALA B 265 34.95 11.42 9.47
C ALA B 265 35.78 10.40 10.24
N ALA B 266 35.78 10.49 11.55
CA ALA B 266 36.54 9.58 12.38
C ALA B 266 36.01 8.16 12.21
N LEU B 267 34.69 8.02 12.20
CA LEU B 267 34.07 6.72 12.05
C LEU B 267 34.33 6.16 10.64
N VAL B 268 34.36 7.06 9.66
CA VAL B 268 34.63 6.67 8.29
C VAL B 268 36.03 6.08 8.25
N GLU B 269 36.96 6.80 8.86
CA GLU B 269 38.35 6.34 8.92
C GLU B 269 38.48 4.97 9.57
N TRP B 270 37.89 4.83 10.76
CA TRP B 270 37.95 3.56 11.49
C TRP B 270 37.43 2.46 10.61
N LEU B 271 36.26 2.69 10.05
CA LEU B 271 35.57 1.74 9.19
C LEU B 271 36.42 1.19 8.04
N ARG B 272 37.39 1.99 7.61
CA ARG B 272 38.31 1.66 6.51
C ARG B 272 39.06 0.33 6.58
N GLU B 273 39.49 -0.07 7.77
CA GLU B 273 40.23 -1.32 7.92
C GLU B 273 39.36 -2.46 7.42
N ILE B 274 38.06 -2.31 7.60
CA ILE B 274 37.11 -3.29 7.09
C ILE B 274 36.59 -2.54 5.88
N LEU B 275 35.72 -3.14 5.08
CA LEU B 275 35.21 -2.42 3.91
C LEU B 275 36.33 -1.70 3.12
N PRO B 276 37.46 -2.39 2.88
CA PRO B 276 38.57 -1.77 2.13
C PRO B 276 38.19 -1.59 0.66
N GLY B 277 37.07 -2.19 0.28
CA GLY B 277 36.60 -2.09 -1.09
C GLY B 277 35.89 -0.78 -1.36
N LYS B 278 35.20 -0.25 -0.36
CA LYS B 278 34.46 1.00 -0.52
C LYS B 278 35.36 2.22 -0.53
N THR B 279 34.94 3.23 -1.28
CA THR B 279 35.65 4.49 -1.39
C THR B 279 35.24 5.38 -0.22
N THR B 280 35.75 6.61 -0.20
CA THR B 280 35.40 7.56 0.85
C THR B 280 33.90 7.89 0.78
N ALA B 281 33.45 8.29 -0.40
CA ALA B 281 32.05 8.65 -0.60
C ALA B 281 31.15 7.52 -0.11
N GLU B 282 31.51 6.29 -0.48
CA GLU B 282 30.72 5.13 -0.10
C GLU B 282 30.76 4.82 1.38
N LEU B 283 31.82 5.24 2.06
CA LEU B 283 31.93 4.99 3.48
C LEU B 283 31.02 5.98 4.22
N TYR B 284 30.87 7.18 3.69
CA TYR B 284 30.00 8.19 4.30
C TYR B 284 28.55 7.80 4.09
N MET B 285 28.23 7.36 2.87
CA MET B 285 26.87 6.97 2.54
C MET B 285 26.46 5.77 3.39
N ALA B 286 27.42 4.90 3.65
CA ALA B 286 27.18 3.71 4.47
C ALA B 286 26.61 4.07 5.83
N ILE B 287 27.07 5.17 6.41
CA ILE B 287 26.60 5.59 7.74
C ILE B 287 25.52 6.66 7.70
N GLY B 288 24.92 6.88 6.54
CA GLY B 288 23.84 7.85 6.43
C GLY B 288 24.17 9.23 5.91
N CYS B 289 25.45 9.56 5.79
CA CYS B 289 25.84 10.86 5.30
C CYS B 289 25.76 10.91 3.77
N GLN B 290 24.54 10.77 3.26
CA GLN B 290 24.26 10.76 1.83
C GLN B 290 24.75 12.02 1.09
N LYS B 291 24.24 13.18 1.48
CA LYS B 291 24.61 14.45 0.82
C LYS B 291 26.09 14.75 0.82
N HIS B 292 26.79 14.42 1.90
CA HIS B 292 28.22 14.68 1.90
C HIS B 292 28.89 13.68 1.00
N ALA B 293 28.34 12.46 0.99
CA ALA B 293 28.89 11.40 0.14
C ALA B 293 28.78 11.85 -1.31
N LYS B 294 27.73 12.59 -1.63
CA LYS B 294 27.53 13.09 -2.99
C LYS B 294 28.59 14.13 -3.35
N THR B 295 29.19 14.76 -2.34
CA THR B 295 30.23 15.75 -2.59
C THR B 295 31.53 15.00 -2.82
N GLU B 296 31.77 13.98 -2.00
CA GLU B 296 32.96 13.16 -2.12
C GLU B 296 32.85 12.44 -3.45
N SER B 297 31.63 12.07 -3.80
CA SER B 297 31.33 11.36 -5.04
C SER B 297 31.85 12.16 -6.24
N TYR B 298 31.39 13.40 -6.35
CA TYR B 298 31.80 14.26 -7.45
C TYR B 298 33.32 14.46 -7.44
N ARG B 299 33.92 14.45 -6.26
CA ARG B 299 35.36 14.63 -6.16
C ARG B 299 36.08 13.41 -6.73
N GLU B 300 35.58 12.22 -6.38
CA GLU B 300 36.17 10.98 -6.85
C GLU B 300 36.04 10.89 -8.37
N TYR B 301 34.90 11.36 -8.88
CA TYR B 301 34.66 11.38 -10.31
C TYR B 301 35.70 12.24 -11.01
N LEU B 302 35.92 13.44 -10.47
CA LEU B 302 36.88 14.38 -11.05
C LEU B 302 38.31 13.85 -11.03
N VAL B 303 38.65 13.08 -10.00
CA VAL B 303 40.00 12.55 -9.92
C VAL B 303 40.23 11.50 -10.99
N TYR B 304 39.15 10.79 -11.33
CA TYR B 304 39.22 9.75 -12.34
C TYR B 304 39.23 10.35 -13.75
N LEU B 305 38.30 11.26 -13.99
CA LEU B 305 38.15 11.91 -15.28
C LEU B 305 39.45 12.41 -15.90
N GLN B 306 40.30 13.04 -15.11
CA GLN B 306 41.56 13.56 -15.63
C GLN B 306 42.62 12.47 -15.67
N GLY B 307 42.64 11.62 -14.65
CA GLY B 307 43.61 10.55 -14.58
C GLY B 307 43.45 9.52 -15.69
N CYS B 308 42.35 9.62 -16.44
CA CYS B 308 42.11 8.70 -17.54
C CYS B 308 42.12 9.47 -18.85
N ASN B 309 41.91 8.77 -19.95
CA ASN B 309 41.89 9.39 -21.26
C ASN B 309 40.97 8.64 -22.22
N GLU B 310 39.84 8.18 -21.68
CA GLU B 310 38.84 7.48 -22.46
C GLU B 310 37.71 8.49 -22.61
N GLN B 311 36.81 8.28 -23.56
CA GLN B 311 35.69 9.21 -23.73
C GLN B 311 34.40 8.59 -23.27
N PHE B 312 33.48 9.44 -22.82
CA PHE B 312 32.18 8.95 -22.36
C PHE B 312 31.49 8.18 -23.47
N ILE B 313 31.22 6.91 -23.21
CA ILE B 313 30.56 6.04 -24.16
C ILE B 313 29.23 5.58 -23.58
N GLU B 314 28.33 5.14 -24.47
CA GLU B 314 27.04 4.63 -24.04
C GLU B 314 27.31 3.32 -23.32
N ALA B 315 26.76 3.15 -22.13
CA ALA B 315 26.99 1.91 -21.39
C ALA B 315 26.61 0.67 -22.19
N PRO B 316 27.48 -0.36 -22.19
CA PRO B 316 27.22 -1.61 -22.91
C PRO B 316 25.94 -2.33 -22.43
N GLY B 317 25.23 -2.96 -23.37
CA GLY B 317 23.99 -3.66 -23.02
C GLY B 317 22.87 -3.28 -23.97
N ILE B 318 21.64 -3.61 -23.61
CA ILE B 318 20.51 -3.27 -24.46
C ILE B 318 20.11 -1.80 -24.24
N ARG B 319 19.90 -1.05 -25.31
CA ARG B 319 19.49 0.36 -25.23
C ARG B 319 18.16 0.50 -24.52
N GLY B 320 18.04 1.56 -23.74
CA GLY B 320 16.81 1.80 -23.02
C GLY B 320 15.81 2.55 -23.87
N MET B 321 14.54 2.17 -23.73
CA MET B 321 13.45 2.80 -24.45
C MET B 321 13.05 4.13 -23.79
N VAL B 322 13.58 4.42 -22.60
CA VAL B 322 13.25 5.67 -21.93
C VAL B 322 14.45 6.35 -21.27
N MET B 323 15.49 5.58 -20.96
CA MET B 323 16.67 6.17 -20.36
C MET B 323 17.83 6.09 -21.32
N LEU B 324 18.72 7.07 -21.21
CA LEU B 324 19.91 7.11 -22.04
C LEU B 324 21.02 7.05 -21.01
N VAL B 325 21.79 5.95 -21.04
CA VAL B 325 22.88 5.79 -20.07
C VAL B 325 24.27 5.67 -20.65
N PHE B 326 25.18 6.47 -20.11
CA PHE B 326 26.56 6.48 -20.56
C PHE B 326 27.52 6.20 -19.42
N THR B 327 28.82 6.22 -19.70
CA THR B 327 29.81 5.94 -18.68
C THR B 327 31.23 6.06 -19.25
N LEU B 328 32.21 6.00 -18.36
CA LEU B 328 33.62 6.06 -18.74
C LEU B 328 34.14 4.65 -18.57
N PRO B 329 34.90 4.17 -19.57
CA PRO B 329 35.49 2.82 -19.61
C PRO B 329 35.81 2.13 -18.28
N GLY B 330 36.80 2.62 -17.53
CA GLY B 330 37.12 1.96 -16.29
C GLY B 330 36.45 2.55 -15.06
N PHE B 331 35.38 3.30 -15.27
CA PHE B 331 34.66 3.93 -14.16
C PHE B 331 33.62 2.98 -13.52
N ASP B 332 33.43 3.14 -12.21
CA ASP B 332 32.51 2.31 -11.43
C ASP B 332 31.07 2.84 -11.30
N ARG B 333 30.69 3.78 -12.15
CA ARG B 333 29.34 4.30 -12.08
C ARG B 333 28.81 4.59 -13.47
N VAL B 334 27.50 4.77 -13.56
CA VAL B 334 26.85 5.06 -14.83
C VAL B 334 25.99 6.30 -14.70
N PHE B 335 25.80 6.99 -15.81
CA PHE B 335 25.00 8.19 -15.84
C PHE B 335 23.72 7.91 -16.64
N LYS B 336 22.58 8.21 -16.03
CA LYS B 336 21.31 7.95 -16.68
C LYS B 336 20.43 9.20 -16.80
N VAL B 337 20.26 9.71 -18.01
CA VAL B 337 19.42 10.87 -18.22
C VAL B 337 18.10 10.43 -18.88
N ILE B 338 16.99 11.03 -18.47
CA ILE B 338 15.68 10.69 -19.04
C ILE B 338 15.56 11.25 -20.46
N LYS B 339 15.05 10.43 -21.37
CA LYS B 339 14.93 10.81 -22.77
C LYS B 339 13.79 11.77 -23.08
N ASP B 340 13.83 12.35 -24.28
CA ASP B 340 12.80 13.28 -24.72
C ASP B 340 11.55 12.49 -25.10
N LYS B 341 11.72 11.45 -25.90
CA LYS B 341 10.59 10.61 -26.31
C LYS B 341 10.78 9.21 -25.74
N PHE B 342 9.68 8.47 -25.58
CA PHE B 342 9.77 7.10 -25.10
C PHE B 342 9.09 6.18 -26.12
N ALA B 343 9.80 5.12 -26.51
CA ALA B 343 9.29 4.15 -27.48
C ALA B 343 7.77 4.21 -27.60
N PRO B 344 7.27 4.24 -28.85
CA PRO B 344 5.84 4.28 -29.17
C PRO B 344 4.93 3.57 -28.16
N GLN B 345 5.33 2.38 -27.73
CA GLN B 345 4.54 1.61 -26.79
C GLN B 345 4.59 2.15 -25.36
N LYS B 346 5.81 2.32 -24.84
CA LYS B 346 6.01 2.81 -23.48
C LYS B 346 5.33 4.17 -23.29
N GLU B 347 4.09 4.15 -22.83
CA GLU B 347 3.34 5.38 -22.62
C GLU B 347 3.41 5.82 -21.16
N MET B 348 4.08 6.94 -20.93
CA MET B 348 4.26 7.52 -19.61
C MET B 348 5.06 8.80 -19.77
N SER B 349 4.91 9.72 -18.83
CA SER B 349 5.62 11.00 -18.89
C SER B 349 6.78 11.07 -17.90
N ALA B 350 7.80 11.85 -18.25
CA ALA B 350 8.97 12.01 -17.40
C ALA B 350 8.58 12.09 -15.94
N ALA B 351 7.50 12.82 -15.66
CA ALA B 351 7.02 12.97 -14.29
C ALA B 351 7.03 11.63 -13.57
N HIS B 352 6.30 10.65 -14.13
CA HIS B 352 6.20 9.32 -13.56
C HIS B 352 7.59 8.77 -13.21
N VAL B 353 8.41 8.63 -14.24
CA VAL B 353 9.77 8.15 -14.07
C VAL B 353 10.40 8.76 -12.81
N ARG B 354 10.56 10.08 -12.81
CA ARG B 354 11.16 10.82 -11.70
C ARG B 354 10.64 10.36 -10.34
N ALA B 355 9.34 10.10 -10.29
CA ALA B 355 8.66 9.65 -9.09
C ALA B 355 9.16 8.27 -8.69
N CYS B 356 9.16 7.36 -9.67
CA CYS B 356 9.62 6.00 -9.44
C CYS B 356 11.02 6.00 -8.88
N TYR B 357 11.90 6.83 -9.43
CA TYR B 357 13.26 6.92 -8.93
C TYR B 357 13.27 7.36 -7.46
N GLN B 358 12.34 8.25 -7.13
CA GLN B 358 12.19 8.79 -5.78
C GLN B 358 11.62 7.66 -4.90
N LEU B 359 10.60 7.01 -5.43
CA LEU B 359 9.91 5.90 -4.79
C LEU B 359 10.95 5.00 -4.14
N VAL B 360 11.93 4.60 -4.94
CA VAL B 360 12.98 3.71 -4.50
C VAL B 360 14.08 4.42 -3.72
N LYS B 361 14.22 5.72 -3.92
CA LYS B 361 15.26 6.46 -3.20
C LYS B 361 14.98 6.47 -1.70
N GLU B 362 13.73 6.71 -1.31
CA GLU B 362 13.37 6.74 0.11
C GLU B 362 12.65 5.45 0.55
N HIS B 363 12.91 4.36 -0.17
CA HIS B 363 12.30 3.05 0.11
C HIS B 363 13.34 2.12 0.71
N ASP B 364 12.88 1.06 1.37
CA ASP B 364 13.79 0.09 1.96
C ASP B 364 14.28 -0.75 0.77
N ARG B 365 15.39 -0.32 0.15
CA ARG B 365 15.92 -1.01 -1.03
C ARG B 365 16.16 -2.51 -0.84
N VAL B 366 16.30 -2.91 0.42
CA VAL B 366 16.42 -4.33 0.76
C VAL B 366 17.48 -5.18 0.01
N GLY B 367 18.55 -4.54 -0.44
CA GLY B 367 19.62 -5.24 -1.12
C GLY B 367 19.32 -5.68 -2.55
N ARG B 368 18.28 -5.12 -3.15
CA ARG B 368 17.89 -5.47 -4.51
C ARG B 368 17.69 -4.26 -5.43
N MET B 369 17.88 -3.05 -4.91
CA MET B 369 17.73 -1.84 -5.70
C MET B 369 18.91 -0.93 -5.43
N ALA B 370 19.52 -0.43 -6.49
CA ALA B 370 20.68 0.44 -6.34
C ALA B 370 20.32 1.82 -5.81
N ASP B 371 21.28 2.45 -5.13
CA ASP B 371 21.07 3.79 -4.61
C ASP B 371 21.47 4.74 -5.73
N THR B 372 20.68 5.79 -5.91
CA THR B 372 20.94 6.76 -6.96
C THR B 372 21.27 8.12 -6.40
N GLN B 373 21.93 8.93 -7.21
CA GLN B 373 22.28 10.28 -6.86
C GLN B 373 21.81 11.15 -8.00
N GLU B 374 20.97 12.13 -7.70
CA GLU B 374 20.45 13.00 -8.73
C GLU B 374 21.32 14.23 -8.83
N PHE B 375 21.56 14.68 -10.07
CA PHE B 375 22.33 15.90 -10.28
C PHE B 375 21.55 16.75 -11.26
N GLU B 376 21.71 18.06 -11.15
CA GLU B 376 21.03 18.99 -12.04
C GLU B 376 22.12 19.86 -12.65
N ASN B 377 22.02 20.07 -13.96
CA ASN B 377 23.01 20.89 -14.65
C ASN B 377 24.39 20.29 -14.48
N PHE B 378 24.58 19.12 -15.09
CA PHE B 378 25.87 18.44 -15.00
C PHE B 378 26.71 18.86 -16.19
N VAL B 379 27.92 19.34 -15.90
CA VAL B 379 28.82 19.82 -16.93
C VAL B 379 29.82 18.81 -17.46
N LEU B 380 29.81 18.67 -18.78
CA LEU B 380 30.70 17.76 -19.48
C LEU B 380 31.54 18.52 -20.49
N GLU B 381 32.79 18.09 -20.65
CA GLU B 381 33.73 18.68 -21.60
C GLU B 381 33.49 18.08 -22.97
N LYS B 382 33.14 18.92 -23.95
CA LYS B 382 32.89 18.42 -25.30
C LYS B 382 34.00 17.51 -25.79
N ARG B 383 35.24 17.82 -25.40
CA ARG B 383 36.39 17.04 -25.82
C ARG B 383 36.50 15.71 -25.05
N HIS B 384 35.51 15.42 -24.21
CA HIS B 384 35.48 14.19 -23.42
C HIS B 384 34.41 13.20 -23.89
N ILE B 385 33.43 13.71 -24.62
CA ILE B 385 32.36 12.90 -25.16
C ILE B 385 32.82 12.26 -26.46
N SER B 386 32.46 10.99 -26.65
CA SER B 386 32.83 10.29 -27.87
C SER B 386 31.81 10.73 -28.91
N PRO B 387 32.23 10.88 -30.18
CA PRO B 387 31.33 11.30 -31.26
C PRO B 387 30.09 10.42 -31.34
N ALA B 388 30.25 9.16 -30.95
CA ALA B 388 29.14 8.21 -30.97
C ALA B 388 28.09 8.57 -29.92
N LEU B 389 28.55 8.94 -28.73
CA LEU B 389 27.66 9.27 -27.63
C LEU B 389 27.08 10.68 -27.78
N MET B 390 27.89 11.60 -28.29
CA MET B 390 27.45 12.98 -28.49
C MET B 390 26.27 13.01 -29.46
N GLU B 391 26.33 12.15 -30.47
CA GLU B 391 25.28 12.04 -31.47
C GLU B 391 23.99 11.56 -30.79
N LEU B 392 24.13 10.58 -29.90
CA LEU B 392 23.01 10.01 -29.17
C LEU B 392 22.37 11.04 -28.24
N LEU B 393 23.21 11.78 -27.51
CA LEU B 393 22.71 12.79 -26.59
C LEU B 393 21.83 13.80 -27.31
N LEU B 394 22.41 14.43 -28.32
CA LEU B 394 21.72 15.43 -29.12
C LEU B 394 20.45 14.93 -29.83
N GLN B 395 20.39 13.64 -30.13
CA GLN B 395 19.22 13.11 -30.82
C GLN B 395 18.15 12.53 -29.92
N GLU B 396 18.52 12.11 -28.71
CA GLU B 396 17.53 11.52 -27.84
C GLU B 396 17.24 12.38 -26.60
N ALA B 397 18.18 13.24 -26.24
CA ALA B 397 18.02 14.09 -25.07
C ALA B 397 18.34 15.57 -25.36
N ALA B 398 17.95 16.04 -26.55
CA ALA B 398 18.21 17.42 -26.96
C ALA B 398 17.71 18.47 -25.97
N GLU B 399 16.49 18.28 -25.47
CA GLU B 399 15.91 19.20 -24.51
C GLU B 399 16.77 19.33 -23.25
N LYS B 400 16.98 18.20 -22.58
CA LYS B 400 17.77 18.16 -21.34
C LYS B 400 19.21 18.61 -21.50
N ILE B 401 19.51 19.35 -22.56
CA ILE B 401 20.88 19.79 -22.77
C ILE B 401 21.02 21.14 -23.47
N THR B 402 21.83 22.02 -22.88
CA THR B 402 22.08 23.33 -23.46
C THR B 402 23.57 23.47 -23.73
N ASP B 403 23.89 24.04 -24.90
CA ASP B 403 25.27 24.25 -25.32
C ASP B 403 25.96 25.38 -24.54
N LEU B 404 27.18 25.12 -24.10
CA LEU B 404 27.92 26.12 -23.32
C LEU B 404 29.31 26.31 -23.90
N GLY B 405 29.39 26.30 -25.23
CA GLY B 405 30.68 26.47 -25.87
C GLY B 405 31.55 25.23 -25.88
N GLU B 406 32.70 25.32 -25.22
CA GLU B 406 33.64 24.20 -25.16
C GLU B 406 33.14 23.05 -24.28
N GLN B 407 31.90 23.15 -23.81
CA GLN B 407 31.32 22.12 -22.94
C GLN B 407 29.81 22.13 -22.99
N ILE B 408 29.20 21.09 -22.42
CA ILE B 408 27.75 21.02 -22.41
C ILE B 408 27.24 20.84 -20.99
N VAL B 409 25.93 21.01 -20.85
CA VAL B 409 25.28 20.88 -19.55
C VAL B 409 24.00 20.08 -19.70
N ILE B 410 23.92 18.99 -18.96
CA ILE B 410 22.74 18.16 -19.00
C ILE B 410 21.86 18.62 -17.86
N ARG B 411 20.70 19.15 -18.24
CA ARG B 411 19.70 19.68 -17.32
C ARG B 411 19.62 18.87 -16.03
N HIS B 412 19.55 17.56 -16.16
CA HIS B 412 19.46 16.71 -14.98
C HIS B 412 19.57 15.22 -15.32
N LEU B 413 20.31 14.49 -14.50
CA LEU B 413 20.50 13.06 -14.72
C LEU B 413 20.64 12.32 -13.39
N TYR B 414 20.80 11.00 -13.44
CA TYR B 414 20.99 10.19 -12.24
C TYR B 414 22.34 9.46 -12.33
N ILE B 415 23.06 9.39 -11.21
CA ILE B 415 24.31 8.65 -11.20
C ILE B 415 24.06 7.41 -10.36
N GLU B 416 24.51 6.26 -10.87
CA GLU B 416 24.28 4.96 -10.22
C GLU B 416 25.54 4.12 -10.24
N ARG B 417 25.69 3.23 -9.25
CA ARG B 417 26.82 2.32 -9.16
C ARG B 417 26.72 1.48 -10.44
N ARG B 418 27.86 1.05 -10.98
CA ARG B 418 27.89 0.25 -12.21
C ARG B 418 28.00 -1.24 -11.95
N MET B 419 27.14 -2.01 -12.61
CA MET B 419 27.12 -3.48 -12.45
C MET B 419 27.11 -4.04 -13.88
N VAL B 420 27.25 -5.36 -14.05
CA VAL B 420 27.20 -5.86 -15.41
C VAL B 420 25.80 -6.42 -15.59
N PRO B 421 25.09 -5.91 -16.62
CA PRO B 421 23.72 -6.37 -16.90
C PRO B 421 23.66 -7.90 -16.86
N LEU B 422 22.63 -8.41 -16.19
CA LEU B 422 22.46 -9.84 -16.06
C LEU B 422 22.46 -10.50 -17.43
N ASN B 423 21.84 -9.87 -18.42
CA ASN B 423 21.80 -10.46 -19.75
C ASN B 423 23.21 -10.66 -20.31
N ILE B 424 24.18 -9.94 -19.76
CA ILE B 424 25.55 -10.09 -20.20
C ILE B 424 26.32 -11.02 -19.25
N TRP B 425 25.89 -11.09 -18.00
CA TRP B 425 26.57 -11.97 -17.06
C TRP B 425 26.25 -13.42 -17.39
N LEU B 426 25.02 -13.66 -17.84
CA LEU B 426 24.58 -15.00 -18.20
C LEU B 426 25.43 -15.58 -19.30
N GLU B 427 25.97 -14.72 -20.15
CA GLU B 427 26.84 -15.15 -21.23
C GLU B 427 28.28 -15.44 -20.78
N GLN B 428 28.62 -15.12 -19.54
CA GLN B 428 29.96 -15.35 -18.99
C GLN B 428 29.86 -16.39 -17.91
N VAL B 429 28.94 -17.33 -18.04
CA VAL B 429 28.78 -18.33 -17.01
C VAL B 429 28.20 -19.64 -17.55
N GLU B 430 28.42 -20.72 -16.81
CA GLU B 430 27.91 -22.04 -17.20
C GLU B 430 27.99 -22.99 -16.00
N GLY B 431 27.22 -24.07 -16.07
CA GLY B 431 27.20 -25.06 -15.00
C GLY B 431 26.73 -24.51 -13.66
N GLN B 432 27.58 -24.65 -12.64
CA GLN B 432 27.26 -24.17 -11.31
C GLN B 432 26.96 -22.67 -11.28
N GLN B 433 27.80 -21.88 -11.93
CA GLN B 433 27.63 -20.43 -11.96
C GLN B 433 26.32 -20.04 -12.64
N LEU B 434 25.92 -20.77 -13.67
CA LEU B 434 24.67 -20.47 -14.36
C LEU B 434 23.51 -20.83 -13.43
N ARG B 435 23.82 -21.72 -12.48
CA ARG B 435 22.85 -22.16 -11.50
C ARG B 435 22.78 -21.15 -10.35
N ASP B 436 23.87 -20.46 -10.06
CA ASP B 436 23.86 -19.47 -9.00
C ASP B 436 23.21 -18.20 -9.54
N ALA B 437 23.39 -17.97 -10.84
CA ALA B 437 22.85 -16.79 -11.49
C ALA B 437 21.34 -16.80 -11.39
N ILE B 438 20.75 -17.86 -11.92
CA ILE B 438 19.30 -18.00 -11.92
C ILE B 438 18.73 -18.08 -10.49
N GLU B 439 19.45 -18.72 -9.58
CA GLU B 439 18.97 -18.78 -8.21
C GLU B 439 18.87 -17.35 -7.73
N GLU B 440 19.97 -16.62 -7.90
CA GLU B 440 20.04 -15.23 -7.49
C GLU B 440 18.92 -14.38 -8.08
N TYR B 441 18.66 -14.55 -9.37
CA TYR B 441 17.59 -13.78 -9.99
C TYR B 441 16.26 -14.08 -9.31
N GLY B 442 15.97 -15.35 -9.06
CA GLY B 442 14.73 -15.68 -8.39
C GLY B 442 14.64 -15.06 -7.01
N ASN B 443 15.76 -15.06 -6.28
CA ASN B 443 15.78 -14.47 -4.94
C ASN B 443 15.53 -12.99 -5.02
N ALA B 444 16.19 -12.33 -5.96
CA ALA B 444 16.01 -10.90 -6.12
C ALA B 444 14.50 -10.64 -6.27
N ILE B 445 13.87 -11.38 -7.20
CA ILE B 445 12.46 -11.21 -7.45
C ILE B 445 11.59 -11.44 -6.22
N ARG B 446 11.79 -12.53 -5.50
CA ARG B 446 10.92 -12.73 -4.35
C ARG B 446 11.22 -11.77 -3.22
N GLN B 447 12.44 -11.27 -3.15
CA GLN B 447 12.77 -10.32 -2.09
C GLN B 447 12.21 -8.94 -2.39
N LEU B 448 12.27 -8.54 -3.66
CA LEU B 448 11.73 -7.26 -4.06
C LEU B 448 10.22 -7.31 -3.82
N ALA B 449 9.64 -8.49 -3.94
CA ALA B 449 8.21 -8.67 -3.74
C ALA B 449 7.84 -8.52 -2.26
N ALA B 450 8.67 -9.09 -1.39
CA ALA B 450 8.40 -9.01 0.03
C ALA B 450 8.51 -7.56 0.50
N ALA B 451 9.02 -6.69 -0.37
CA ALA B 451 9.15 -5.28 -0.06
C ALA B 451 8.04 -4.51 -0.81
N ASN B 452 7.02 -5.25 -1.22
CA ASN B 452 5.88 -4.67 -1.92
C ASN B 452 6.29 -4.00 -3.24
N ILE B 453 7.36 -4.49 -3.86
CA ILE B 453 7.84 -3.92 -5.12
C ILE B 453 7.73 -4.89 -6.32
N PHE B 454 6.83 -4.60 -7.25
CA PHE B 454 6.73 -5.45 -8.43
C PHE B 454 7.68 -4.90 -9.48
N PRO B 455 8.70 -5.68 -9.85
CA PRO B 455 9.69 -5.29 -10.85
C PRO B 455 9.09 -4.81 -12.18
N GLY B 456 7.81 -5.07 -12.37
CA GLY B 456 7.15 -4.64 -13.59
C GLY B 456 7.67 -5.34 -14.85
N ASP B 457 8.87 -4.97 -15.27
CA ASP B 457 9.49 -5.55 -16.44
C ASP B 457 10.73 -6.33 -16.01
N MET B 458 10.55 -7.61 -15.73
CA MET B 458 11.63 -8.46 -15.25
C MET B 458 12.52 -9.18 -16.26
N LEU B 459 12.91 -8.49 -17.33
CA LEU B 459 13.81 -9.12 -18.30
C LEU B 459 15.24 -8.89 -17.78
N PHE B 460 16.09 -9.90 -17.94
CA PHE B 460 17.46 -9.86 -17.47
C PHE B 460 18.23 -8.54 -17.66
N LYS B 461 17.98 -7.85 -18.76
CA LYS B 461 18.66 -6.58 -19.06
C LYS B 461 18.40 -5.47 -18.02
N ASN B 462 17.35 -5.63 -17.23
CA ASN B 462 16.99 -4.64 -16.23
C ASN B 462 17.53 -4.92 -14.84
N PHE B 463 18.39 -5.93 -14.76
CA PHE B 463 19.02 -6.30 -13.51
C PHE B 463 20.51 -6.28 -13.77
N GLY B 464 21.28 -5.97 -12.74
CA GLY B 464 22.73 -5.92 -12.88
C GLY B 464 23.35 -6.91 -11.91
N VAL B 465 24.59 -7.33 -12.20
CA VAL B 465 25.25 -8.27 -11.33
C VAL B 465 26.44 -7.62 -10.64
N THR B 466 26.44 -7.78 -9.33
CA THR B 466 27.44 -7.27 -8.41
C THR B 466 28.76 -8.05 -8.44
N ARG B 467 29.82 -7.42 -7.93
CA ARG B 467 31.15 -8.03 -7.84
C ARG B 467 31.02 -9.39 -7.18
N HIS B 468 30.15 -9.47 -6.18
CA HIS B 468 29.92 -10.72 -5.44
C HIS B 468 28.82 -11.58 -6.08
N GLY B 469 28.54 -11.34 -7.36
CA GLY B 469 27.55 -12.12 -8.08
C GLY B 469 26.10 -11.97 -7.68
N ARG B 470 25.74 -10.82 -7.13
CA ARG B 470 24.37 -10.59 -6.71
C ARG B 470 23.53 -9.83 -7.74
N VAL B 471 22.28 -10.25 -7.88
CA VAL B 471 21.39 -9.65 -8.84
C VAL B 471 20.65 -8.48 -8.22
N VAL B 472 20.84 -7.30 -8.80
CA VAL B 472 20.21 -6.09 -8.34
C VAL B 472 19.35 -5.48 -9.45
N PHE B 473 18.13 -5.10 -9.10
CA PHE B 473 17.21 -4.49 -10.06
C PHE B 473 17.55 -3.01 -10.16
N TYR B 474 17.54 -2.47 -11.38
CA TYR B 474 17.88 -1.06 -11.58
C TYR B 474 17.00 -0.30 -12.56
N ASP B 475 15.90 -0.90 -12.99
CA ASP B 475 15.00 -0.26 -13.96
C ASP B 475 13.74 0.19 -13.22
N TYR B 476 13.92 1.19 -12.35
CA TYR B 476 12.87 1.72 -11.50
C TYR B 476 11.63 2.30 -12.14
N ASP B 477 11.73 2.74 -13.37
CA ASP B 477 10.55 3.28 -14.02
C ASP B 477 9.46 2.21 -14.16
N GLU B 478 9.85 0.99 -14.51
CA GLU B 478 8.91 -0.13 -14.68
C GLU B 478 8.32 -0.60 -13.34
N ILE B 479 8.91 -0.11 -12.24
CA ILE B 479 8.49 -0.46 -10.89
C ILE B 479 7.01 -0.16 -10.62
N CYS B 480 6.49 -0.72 -9.55
CA CYS B 480 5.09 -0.50 -9.17
C CYS B 480 4.73 -1.40 -7.99
N TYR B 481 4.02 -0.84 -7.01
CA TYR B 481 3.63 -1.57 -5.81
C TYR B 481 2.94 -2.91 -6.02
N MET B 482 3.35 -3.91 -5.23
CA MET B 482 2.81 -5.25 -5.35
C MET B 482 1.32 -5.28 -5.03
N THR B 483 0.91 -4.54 -4.01
CA THR B 483 -0.51 -4.47 -3.64
C THR B 483 -1.19 -3.44 -4.56
N GLU B 484 -0.95 -3.56 -5.85
CA GLU B 484 -1.53 -2.66 -6.81
C GLU B 484 -1.69 -3.44 -8.10
N VAL B 485 -1.06 -4.62 -8.10
CA VAL B 485 -1.08 -5.51 -9.25
C VAL B 485 -2.22 -6.52 -9.15
N ASN B 486 -2.97 -6.66 -10.24
CA ASN B 486 -4.06 -7.63 -10.29
C ASN B 486 -3.48 -8.82 -11.05
N PHE B 487 -3.00 -9.82 -10.30
CA PHE B 487 -2.40 -11.03 -10.88
C PHE B 487 -3.42 -12.03 -11.42
N ARG B 488 -3.41 -12.20 -12.74
CA ARG B 488 -4.35 -13.07 -13.42
C ARG B 488 -3.85 -14.41 -13.98
N ASP B 489 -4.72 -15.05 -14.75
CA ASP B 489 -4.44 -16.31 -15.41
C ASP B 489 -4.53 -16.13 -16.93
N ILE B 490 -5.37 -16.89 -17.60
CA ILE B 490 -5.50 -16.74 -19.04
C ILE B 490 -6.37 -17.83 -19.68
N PRO B 491 -7.24 -17.43 -20.62
CA PRO B 491 -8.16 -18.33 -21.35
C PRO B 491 -7.44 -19.33 -22.27
N TYR B 506 -7.60 -12.67 -25.17
CA TYR B 506 -7.84 -11.95 -23.89
C TYR B 506 -7.60 -10.46 -24.03
N SER B 507 -8.12 -9.69 -23.07
CA SER B 507 -7.96 -8.23 -23.06
C SER B 507 -7.38 -7.84 -21.70
N VAL B 508 -6.76 -6.67 -21.62
CA VAL B 508 -6.14 -6.21 -20.38
C VAL B 508 -6.85 -5.04 -19.69
N SER B 509 -6.96 -5.15 -18.35
CA SER B 509 -7.58 -4.13 -17.50
C SER B 509 -6.48 -3.48 -16.66
N PRO B 510 -6.78 -2.30 -16.05
CA PRO B 510 -5.85 -1.55 -15.22
C PRO B 510 -5.04 -2.41 -14.24
N GLY B 511 -3.71 -2.37 -14.35
CA GLY B 511 -2.85 -3.15 -13.46
C GLY B 511 -2.86 -4.67 -13.57
N ASP B 512 -3.36 -5.19 -14.70
CA ASP B 512 -3.42 -6.63 -14.92
C ASP B 512 -2.10 -7.25 -15.32
N VAL B 513 -1.70 -8.31 -14.63
CA VAL B 513 -0.45 -8.99 -14.94
C VAL B 513 -0.68 -10.51 -15.07
N PHE B 514 -0.11 -11.11 -16.11
CA PHE B 514 -0.24 -12.54 -16.37
C PHE B 514 1.12 -13.25 -16.23
N PRO B 515 1.43 -13.77 -15.03
CA PRO B 515 2.69 -14.47 -14.74
C PRO B 515 3.12 -15.55 -15.72
N GLU B 516 2.16 -16.26 -16.33
CA GLU B 516 2.53 -17.30 -17.27
C GLU B 516 2.80 -16.72 -18.66
N GLU B 517 3.28 -15.47 -18.69
CA GLU B 517 3.63 -14.82 -19.95
C GLU B 517 5.10 -14.46 -19.83
N PHE B 518 5.62 -14.65 -18.62
CA PHE B 518 7.01 -14.39 -18.31
C PHE B 518 7.83 -15.57 -18.83
N ARG B 519 7.13 -16.66 -19.13
CA ARG B 519 7.76 -17.88 -19.64
C ARG B 519 8.22 -17.66 -21.09
N HIS B 520 7.39 -17.00 -21.88
CA HIS B 520 7.73 -16.73 -23.27
C HIS B 520 8.96 -15.83 -23.42
N TRP B 521 9.34 -15.13 -22.37
CA TRP B 521 10.51 -14.25 -22.45
C TRP B 521 11.71 -14.80 -21.71
N LEU B 522 11.50 -15.16 -20.44
CA LEU B 522 12.58 -15.68 -19.62
C LEU B 522 12.98 -17.11 -19.97
N CYS B 523 12.51 -17.59 -21.13
CA CYS B 523 12.82 -18.93 -21.63
C CYS B 523 13.16 -18.95 -23.12
N ALA B 524 13.24 -17.77 -23.74
CA ALA B 524 13.58 -17.68 -25.15
C ALA B 524 15.04 -18.08 -25.39
N ASP B 525 15.65 -18.67 -24.36
CA ASP B 525 17.04 -19.12 -24.44
C ASP B 525 17.12 -20.58 -23.99
N PRO B 526 17.63 -21.47 -24.87
CA PRO B 526 17.79 -22.90 -24.60
C PRO B 526 18.63 -23.20 -23.36
N ARG B 527 19.66 -22.38 -23.14
CA ARG B 527 20.55 -22.60 -22.01
C ARG B 527 19.92 -22.32 -20.65
N ILE B 528 19.26 -21.17 -20.53
CA ILE B 528 18.67 -20.79 -19.25
C ILE B 528 17.20 -21.15 -19.15
N GLY B 529 16.53 -21.28 -20.29
CA GLY B 529 15.12 -21.62 -20.29
C GLY B 529 14.81 -22.80 -19.38
N PRO B 530 15.26 -24.01 -19.74
CA PRO B 530 15.06 -25.25 -18.99
C PRO B 530 15.46 -25.19 -17.51
N LEU B 531 16.66 -24.68 -17.24
CA LEU B 531 17.14 -24.57 -15.88
C LEU B 531 16.21 -23.66 -15.09
N PHE B 532 15.65 -22.68 -15.80
CA PHE B 532 14.72 -21.72 -15.18
C PHE B 532 13.39 -22.44 -15.00
N GLU B 533 12.97 -23.14 -16.05
CA GLU B 533 11.73 -23.91 -16.05
C GLU B 533 11.64 -24.68 -14.74
N GLU B 534 12.79 -25.14 -14.26
CA GLU B 534 12.90 -25.92 -13.03
C GLU B 534 13.16 -25.09 -11.76
N MET B 535 14.33 -24.47 -11.70
CA MET B 535 14.74 -23.69 -10.54
C MET B 535 13.59 -22.90 -9.90
N HIS B 536 12.79 -22.24 -10.74
CA HIS B 536 11.65 -21.47 -10.25
C HIS B 536 10.49 -21.69 -11.22
N ALA B 537 9.36 -22.19 -10.73
CA ALA B 537 8.20 -22.39 -11.59
C ALA B 537 7.03 -21.59 -11.01
N ASP B 538 7.18 -21.20 -9.74
CA ASP B 538 6.18 -20.42 -9.03
C ASP B 538 5.84 -19.16 -9.83
N LEU B 539 6.89 -18.41 -10.12
CA LEU B 539 6.80 -17.15 -10.86
C LEU B 539 5.83 -17.12 -12.05
N PHE B 540 5.56 -18.27 -12.66
CA PHE B 540 4.65 -18.32 -13.80
C PHE B 540 3.23 -18.59 -13.34
N ARG B 541 3.09 -18.93 -12.06
CA ARG B 541 1.81 -19.23 -11.47
C ARG B 541 1.24 -18.05 -10.67
N ALA B 542 0.11 -17.54 -11.15
CA ALA B 542 -0.57 -16.40 -10.54
C ALA B 542 -0.90 -16.59 -9.06
N ASP B 543 -0.89 -17.83 -8.58
CA ASP B 543 -1.20 -18.09 -7.19
C ASP B 543 -0.02 -17.76 -6.30
N TYR B 544 1.18 -18.08 -6.77
CA TYR B 544 2.38 -17.80 -6.00
C TYR B 544 2.40 -16.33 -5.65
N TRP B 545 2.14 -15.50 -6.68
CA TRP B 545 2.13 -14.06 -6.55
C TRP B 545 1.04 -13.54 -5.63
N ARG B 546 -0.18 -14.06 -5.77
CA ARG B 546 -1.29 -13.63 -4.93
C ARG B 546 -0.95 -13.93 -3.47
N ALA B 547 -0.60 -15.18 -3.22
CA ALA B 547 -0.22 -15.63 -1.88
C ALA B 547 0.84 -14.68 -1.35
N LEU B 548 1.72 -14.26 -2.27
CA LEU B 548 2.82 -13.36 -1.98
C LEU B 548 2.30 -12.01 -1.47
N GLN B 549 1.37 -11.42 -2.22
CA GLN B 549 0.82 -10.11 -1.83
C GLN B 549 -0.11 -10.21 -0.64
N ASN B 550 -0.40 -11.44 -0.21
CA ASN B 550 -1.25 -11.66 0.96
C ASN B 550 -0.39 -11.33 2.17
N ARG B 551 0.77 -12.00 2.24
CA ARG B 551 1.71 -11.76 3.33
C ARG B 551 1.89 -10.25 3.51
N ILE B 552 1.97 -9.54 2.39
CA ILE B 552 2.15 -8.09 2.38
C ILE B 552 1.02 -7.31 3.04
N ARG B 553 -0.23 -7.79 2.88
CA ARG B 553 -1.38 -7.11 3.46
C ARG B 553 -1.61 -7.40 4.95
N GLU B 554 -0.50 -7.51 5.68
CA GLU B 554 -0.53 -7.77 7.12
C GLU B 554 0.79 -7.23 7.67
N GLY B 555 1.32 -6.22 6.99
CA GLY B 555 2.59 -5.62 7.37
C GLY B 555 3.70 -6.42 6.71
N HIS B 556 4.17 -5.96 5.55
CA HIS B 556 5.22 -6.69 4.84
C HIS B 556 6.42 -7.02 5.72
N VAL B 557 7.36 -6.08 5.87
CA VAL B 557 8.55 -6.27 6.70
C VAL B 557 8.92 -7.75 6.85
N GLU B 558 9.29 -8.38 5.74
CA GLU B 558 9.67 -9.80 5.77
C GLU B 558 11.17 -10.00 5.96
N ASP B 559 11.57 -10.14 7.23
CA ASP B 559 12.95 -10.35 7.63
C ASP B 559 13.93 -10.71 6.52
N VAL B 560 14.71 -9.74 6.06
CA VAL B 560 15.70 -9.95 5.00
C VAL B 560 17.09 -10.06 5.66
N TYR B 561 18.01 -10.76 5.02
CA TYR B 561 19.35 -10.92 5.57
C TYR B 561 20.46 -10.36 4.70
N ALA B 562 21.46 -9.78 5.36
CA ALA B 562 22.62 -9.20 4.68
C ALA B 562 23.70 -10.27 4.50
N TYR B 563 23.30 -11.52 4.73
CA TYR B 563 24.18 -12.68 4.59
C TYR B 563 23.32 -13.85 4.13
N ARG B 564 23.91 -15.02 3.97
CA ARG B 564 23.17 -16.19 3.51
C ARG B 564 22.45 -16.92 4.64
N ARG B 565 21.20 -17.30 4.36
CA ARG B 565 20.37 -18.01 5.33
C ARG B 565 21.06 -19.27 5.86
N ARG B 566 22.12 -19.71 5.16
CA ARG B 566 22.85 -20.90 5.57
C ARG B 566 23.92 -20.60 6.62
N GLN B 567 23.93 -19.39 7.14
CA GLN B 567 24.93 -19.02 8.14
C GLN B 567 24.29 -18.70 9.48
N ARG B 568 22.98 -18.47 9.46
CA ARG B 568 22.27 -18.17 10.69
C ARG B 568 22.67 -19.24 11.68
N PHE B 569 22.97 -18.86 12.92
CA PHE B 569 23.33 -19.86 13.91
C PHE B 569 22.20 -20.87 14.01
N SER B 570 20.97 -20.37 13.85
CA SER B 570 19.75 -21.17 13.92
C SER B 570 19.75 -22.34 12.91
N VAL B 571 20.69 -22.32 11.97
CA VAL B 571 20.79 -23.35 10.94
C VAL B 571 22.15 -24.04 10.96
N ARG B 572 23.19 -23.31 10.55
CA ARG B 572 24.55 -23.85 10.51
C ARG B 572 24.95 -24.65 11.76
N TYR B 573 24.26 -24.41 12.87
CA TYR B 573 24.56 -25.10 14.12
C TYR B 573 23.32 -25.70 14.78
N GLY B 574 22.53 -26.47 14.02
CA GLY B 574 21.35 -27.10 14.60
C GLY B 574 20.16 -27.45 13.72
#